data_4PQG
#
_entry.id   4PQG
#
_cell.length_a   71.240
_cell.length_b   125.630
_cell.length_c   127.040
_cell.angle_alpha   90.00
_cell.angle_beta   90.00
_cell.angle_gamma   90.00
#
_symmetry.space_group_name_H-M   'P 21 21 21'
#
loop_
_entity.id
_entity.type
_entity.pdbx_description
1 polymer 'Glycosyltransferase Gtf1'
2 non-polymer "URIDINE-5'-DIPHOSPHATE"
3 non-polymer 2-acetamido-2-deoxy-beta-D-glucopyranose
4 water water
#
_entity_poly.entity_id   1
_entity_poly.type   'polypeptide(L)'
_entity_poly.pdbx_seq_one_letter_code
;MGHHHHHHMTIYNINLGIGWASSGVEYAQAYRAGVFRKLNLSSKFIFTDMILADNIQHLTANIGFDDNQVIWLYNHFTDI
KIAPTSVTVDDVLAYFGGEESHREKNGKVLRVFFFDQDKFVTCYLVDENKDLVQHAEYVFKGNLIRKDYFSYTRYCSEYF
APKDNVAVLYQRTFYNEDGTPVYDILMNQGKEEVYHFKDKIFYGKQAFVRAFMKSLNLNKSDLVILDRETGIGQVVFEEA
QTAHLAVVVHAEHYSENATNEDYILWNNYYDYQFTNADKVDFFIVSTDRQNEVLQEQFAKYTQHQPKIVTIPVGSIDSLT
DSSQGRKPFSLITASRLAKEKHIDWLVKAVIEAHKELPELTFDIYGSGGEDSLLREIIANHQAEDYIQLKGHAELSQIYS
QYEVYLTASTSEGFGLTLMEAIGSGLPLIGFDVPYGNQTFIEDGQNGYLIPSSSDHVEDQIKQAYAAKICQLYQENRLEA
MRAYSYQIAEGFLTKEILEKWKKTVEEVLHD
;
_entity_poly.pdbx_strand_id   A,B
#
# COMPACT_ATOMS: atom_id res chain seq x y z
N HIS A 6 28.47 27.28 -14.70
CA HIS A 6 28.21 27.96 -13.40
C HIS A 6 29.44 27.92 -12.54
N HIS A 7 29.74 29.05 -11.90
CA HIS A 7 30.83 29.11 -10.90
C HIS A 7 30.29 29.19 -9.50
N HIS A 8 29.17 29.90 -9.36
CA HIS A 8 28.52 30.09 -8.06
C HIS A 8 28.08 28.79 -7.48
N MET A 9 27.99 28.74 -6.16
CA MET A 9 27.38 27.58 -5.49
C MET A 9 25.96 27.39 -6.03
N THR A 10 25.67 26.16 -6.45
CA THR A 10 24.30 25.80 -6.82
C THR A 10 23.86 24.61 -5.97
N ILE A 11 22.62 24.70 -5.48
CA ILE A 11 22.01 23.61 -4.75
C ILE A 11 21.06 22.86 -5.69
N TYR A 12 21.41 21.60 -5.97
CA TYR A 12 20.61 20.75 -6.85
C TYR A 12 19.80 19.83 -5.98
N ASN A 13 18.50 19.78 -6.22
CA ASN A 13 17.58 18.96 -5.45
C ASN A 13 16.93 17.96 -6.42
N ILE A 14 16.92 16.69 -6.02
CA ILE A 14 16.49 15.59 -6.89
C ILE A 14 15.26 14.85 -6.35
N ASN A 15 14.23 14.79 -7.18
CA ASN A 15 12.99 14.09 -6.84
C ASN A 15 12.60 13.28 -8.08
N LEU A 16 11.70 12.31 -7.91
CA LEU A 16 11.20 11.58 -9.07
C LEU A 16 10.21 12.42 -9.89
N GLY A 17 9.12 12.86 -9.27
CA GLY A 17 8.03 13.44 -10.03
C GLY A 17 7.23 14.46 -9.27
N ILE A 18 6.13 14.87 -9.91
CA ILE A 18 5.28 15.94 -9.42
C ILE A 18 3.96 15.84 -10.16
N GLY A 19 2.87 16.16 -9.48
CA GLY A 19 1.54 16.10 -10.05
C GLY A 19 0.68 17.28 -9.61
N TRP A 20 -0.58 17.31 -10.06
CA TRP A 20 -1.50 18.34 -9.64
C TRP A 20 -1.81 18.26 -8.16
N ALA A 21 -1.80 17.05 -7.61
CA ALA A 21 -2.11 16.83 -6.20
C ALA A 21 -0.97 16.06 -5.54
N SER A 22 0.15 16.75 -5.29
CA SER A 22 1.38 16.07 -4.90
C SER A 22 1.41 15.81 -3.38
N SER A 23 2.33 14.95 -2.97
CA SER A 23 2.57 14.63 -1.58
C SER A 23 3.38 15.73 -0.88
N GLY A 24 3.50 15.60 0.44
CA GLY A 24 4.34 16.52 1.19
C GLY A 24 5.79 16.53 0.79
N VAL A 25 6.29 15.45 0.19
CA VAL A 25 7.67 15.44 -0.32
C VAL A 25 7.87 16.58 -1.33
N GLU A 26 6.93 16.70 -2.27
CA GLU A 26 6.96 17.75 -3.28
C GLU A 26 6.70 19.14 -2.69
N TYR A 27 5.78 19.21 -1.73
CA TYR A 27 5.53 20.48 -1.04
C TYR A 27 6.75 20.93 -0.21
N ALA A 28 7.41 19.97 0.45
CA ALA A 28 8.66 20.25 1.16
C ALA A 28 9.71 20.86 0.24
N GLN A 29 9.79 20.34 -0.98
CA GLN A 29 10.72 20.88 -1.97
C GLN A 29 10.32 22.32 -2.32
N ALA A 30 9.02 22.56 -2.45
CA ALA A 30 8.52 23.89 -2.72
C ALA A 30 8.82 24.83 -1.55
N TYR A 31 8.63 24.36 -0.31
CA TYR A 31 9.05 25.17 0.84
C TYR A 31 10.54 25.53 0.72
N ARG A 32 11.39 24.52 0.49
CA ARG A 32 12.85 24.70 0.37
C ARG A 32 13.22 25.71 -0.72
N ALA A 33 12.52 25.65 -1.85
CA ALA A 33 12.71 26.59 -2.93
C ALA A 33 12.44 28.03 -2.48
N GLY A 34 11.39 28.20 -1.67
CA GLY A 34 11.06 29.50 -1.07
C GLY A 34 12.17 30.03 -0.20
N VAL A 35 12.82 29.13 0.53
CA VAL A 35 13.94 29.47 1.40
C VAL A 35 15.17 29.87 0.57
N PHE A 36 15.48 29.09 -0.46
CA PHE A 36 16.62 29.37 -1.31
C PHE A 36 16.48 30.70 -2.05
N ARG A 37 15.26 31.02 -2.48
CA ARG A 37 14.98 32.31 -3.11
C ARG A 37 15.26 33.46 -2.14
N LYS A 38 14.78 33.31 -0.91
CA LYS A 38 14.96 34.34 0.11
C LYS A 38 16.42 34.54 0.43
N LEU A 39 17.18 33.44 0.51
CA LEU A 39 18.60 33.50 0.78
C LEU A 39 19.41 33.87 -0.46
N ASN A 40 18.72 34.31 -1.51
CA ASN A 40 19.36 34.59 -2.80
C ASN A 40 20.40 33.54 -3.20
N LEU A 41 20.01 32.27 -3.11
CA LEU A 41 20.93 31.18 -3.42
C LEU A 41 20.48 30.53 -4.71
N SER A 42 21.44 30.10 -5.52
CA SER A 42 21.15 29.42 -6.77
C SER A 42 20.69 27.99 -6.47
N SER A 43 19.51 27.64 -6.96
CA SER A 43 18.99 26.29 -6.77
C SER A 43 18.26 25.74 -7.97
N LYS A 44 18.28 24.41 -8.09
CA LYS A 44 17.58 23.70 -9.15
C LYS A 44 16.87 22.49 -8.55
N PHE A 45 15.62 22.30 -8.96
CA PHE A 45 14.83 21.16 -8.57
C PHE A 45 14.63 20.25 -9.79
N ILE A 46 15.29 19.11 -9.73
CA ILE A 46 15.39 18.16 -10.83
C ILE A 46 14.32 17.08 -10.63
N PHE A 47 13.52 16.83 -11.67
CA PHE A 47 12.60 15.69 -11.69
C PHE A 47 13.03 14.70 -12.77
N THR A 48 13.10 13.42 -12.41
CA THR A 48 13.65 12.38 -13.31
C THR A 48 12.61 11.52 -14.01
N ASP A 49 11.35 11.58 -13.55
CA ASP A 49 10.25 10.84 -14.19
C ASP A 49 9.91 11.40 -15.55
N MET A 50 9.47 10.51 -16.43
CA MET A 50 8.86 10.93 -17.68
C MET A 50 7.45 11.50 -17.38
N ILE A 51 7.27 12.79 -17.66
CA ILE A 51 6.00 13.49 -17.40
C ILE A 51 5.54 14.09 -18.73
N LEU A 52 4.46 13.55 -19.29
CA LEU A 52 3.96 13.95 -20.60
C LEU A 52 2.46 14.26 -20.56
N ALA A 53 1.76 13.69 -19.59
CA ALA A 53 0.31 13.89 -19.45
C ALA A 53 0.00 15.36 -19.24
N ASP A 54 0.94 16.05 -18.59
CA ASP A 54 0.90 17.50 -18.41
C ASP A 54 2.21 18.10 -18.85
N ASN A 55 2.18 19.38 -19.22
CA ASN A 55 3.39 20.18 -19.32
C ASN A 55 3.98 20.32 -17.90
N ILE A 56 5.21 19.86 -17.67
CA ILE A 56 5.78 19.89 -16.32
C ILE A 56 5.78 21.30 -15.70
N GLN A 57 5.91 22.34 -16.55
CA GLN A 57 5.91 23.71 -16.08
C GLN A 57 4.58 24.05 -15.41
N HIS A 58 3.49 23.52 -15.93
CA HIS A 58 2.18 23.79 -15.32
C HIS A 58 2.15 23.27 -13.90
N LEU A 59 2.77 22.12 -13.69
CA LEU A 59 2.79 21.47 -12.37
C LEU A 59 3.70 22.20 -11.38
N THR A 60 4.89 22.58 -11.84
CA THR A 60 5.86 23.24 -10.97
C THR A 60 5.38 24.65 -10.59
N ALA A 61 4.81 25.37 -11.56
CA ALA A 61 4.29 26.73 -11.30
C ALA A 61 3.16 26.64 -10.27
N ASN A 62 2.32 25.62 -10.43
CA ASN A 62 1.19 25.38 -9.53
C ASN A 62 1.62 25.30 -8.06
N ILE A 63 2.74 24.65 -7.80
CA ILE A 63 3.22 24.39 -6.45
C ILE A 63 4.14 25.54 -5.99
N GLY A 64 4.45 26.44 -6.92
CA GLY A 64 5.14 27.65 -6.60
C GLY A 64 6.62 27.73 -6.93
N PHE A 65 7.19 26.75 -7.65
CA PHE A 65 8.58 26.89 -8.12
C PHE A 65 8.63 27.98 -9.20
N ASP A 66 9.71 28.77 -9.24
CA ASP A 66 9.97 29.65 -10.38
C ASP A 66 10.48 28.78 -11.52
N ASP A 67 10.13 29.13 -12.77
CA ASP A 67 10.57 28.38 -13.94
C ASP A 67 12.10 28.18 -13.97
N ASN A 68 12.85 29.19 -13.55
CA ASN A 68 14.31 29.05 -13.59
C ASN A 68 14.87 28.22 -12.44
N GLN A 69 14.01 27.74 -11.55
CA GLN A 69 14.42 26.76 -10.54
C GLN A 69 14.17 25.30 -10.99
N VAL A 70 13.62 25.10 -12.18
CA VAL A 70 13.15 23.77 -12.58
C VAL A 70 14.03 23.11 -13.64
N ILE A 71 14.48 21.89 -13.35
CA ILE A 71 15.11 21.02 -14.35
C ILE A 71 14.30 19.73 -14.52
N TRP A 72 13.93 19.42 -15.76
CA TRP A 72 13.32 18.15 -16.10
C TRP A 72 14.34 17.38 -16.85
N LEU A 73 14.66 16.18 -16.35
CA LEU A 73 15.70 15.33 -16.93
C LEU A 73 15.68 15.28 -18.47
N TYR A 74 14.52 15.01 -19.05
CA TYR A 74 14.43 14.73 -20.50
C TYR A 74 14.57 15.99 -21.37
N ASN A 75 14.18 17.13 -20.81
CA ASN A 75 14.28 18.44 -21.46
C ASN A 75 15.70 19.04 -21.41
N HIS A 76 16.46 18.61 -20.42
CA HIS A 76 17.76 19.23 -20.05
C HIS A 76 18.78 19.16 -21.14
N PHE A 77 18.75 18.07 -21.90
CA PHE A 77 19.66 17.87 -23.02
C PHE A 77 19.28 18.68 -24.26
N THR A 78 18.17 19.40 -24.22
CA THR A 78 17.75 20.20 -25.34
C THR A 78 17.88 21.68 -24.99
N ASP A 79 17.60 22.54 -25.96
CA ASP A 79 17.63 23.98 -25.70
C ASP A 79 16.24 24.58 -25.53
N ILE A 80 15.21 23.74 -25.42
CA ILE A 80 13.86 24.23 -25.13
C ILE A 80 13.73 24.50 -23.63
N LYS A 81 13.36 25.73 -23.28
CA LYS A 81 13.27 26.15 -21.88
C LYS A 81 11.98 25.66 -21.23
N ILE A 82 12.04 25.37 -19.94
CA ILE A 82 10.85 25.12 -19.13
C ILE A 82 9.93 26.33 -19.28
N ALA A 83 8.72 26.11 -19.78
CA ALA A 83 7.78 27.19 -20.12
C ALA A 83 6.33 26.71 -20.16
N PRO A 84 5.37 27.62 -19.96
CA PRO A 84 3.95 27.28 -20.14
C PRO A 84 3.61 26.91 -21.58
N THR A 85 2.55 26.13 -21.77
CA THR A 85 2.03 25.84 -23.10
C THR A 85 1.42 27.11 -23.69
N SER A 86 1.87 27.49 -24.88
CA SER A 86 1.30 28.65 -25.59
C SER A 86 0.98 28.33 -27.05
N VAL A 87 1.28 27.11 -27.47
CA VAL A 87 0.92 26.63 -28.80
C VAL A 87 -0.61 26.53 -28.96
N THR A 88 -1.13 27.02 -30.09
CA THR A 88 -2.57 27.01 -30.38
C THR A 88 -2.98 25.84 -31.27
N VAL A 89 -4.29 25.62 -31.41
CA VAL A 89 -4.81 24.63 -32.35
C VAL A 89 -4.26 24.81 -33.76
N ASP A 90 -4.19 26.06 -34.22
CA ASP A 90 -3.71 26.35 -35.57
C ASP A 90 -2.25 26.02 -35.71
N ASP A 91 -1.47 26.37 -34.69
CA ASP A 91 -0.06 25.99 -34.63
C ASP A 91 0.10 24.49 -34.70
N VAL A 92 -0.78 23.77 -34.01
CA VAL A 92 -0.75 22.31 -33.97
C VAL A 92 -1.06 21.69 -35.32
N LEU A 93 -2.12 22.19 -35.97
CA LEU A 93 -2.55 21.63 -37.25
C LEU A 93 -1.52 21.84 -38.37
N ALA A 94 -0.61 22.80 -38.18
CA ALA A 94 0.48 23.05 -39.11
C ALA A 94 1.48 21.89 -39.17
N TYR A 95 1.57 21.12 -38.09
CA TYR A 95 2.44 19.94 -38.07
C TYR A 95 1.85 18.79 -38.90
N PHE A 96 0.54 18.81 -39.08
CA PHE A 96 -0.15 17.76 -39.82
C PHE A 96 -0.63 18.32 -41.16
N GLY A 97 -0.94 17.46 -42.11
CA GLY A 97 -1.43 17.91 -43.42
C GLY A 97 -2.70 18.74 -43.32
N GLY A 98 -2.94 19.59 -44.31
CA GLY A 98 -4.09 20.50 -44.31
C GLY A 98 -5.41 19.85 -44.69
N GLU A 99 -6.41 20.70 -44.91
CA GLU A 99 -7.73 20.30 -45.44
C GLU A 99 -8.70 19.74 -44.38
N GLU A 100 -8.98 20.57 -43.38
CA GLU A 100 -9.91 20.25 -42.29
C GLU A 100 -11.35 20.29 -42.77
N SER A 101 -12.13 19.26 -42.44
CA SER A 101 -13.54 19.25 -42.81
C SER A 101 -14.45 19.77 -41.70
N HIS A 102 -14.22 19.31 -40.47
CA HIS A 102 -15.05 19.72 -39.33
C HIS A 102 -14.43 19.26 -38.04
N ARG A 103 -15.01 19.71 -36.93
CA ARG A 103 -14.50 19.37 -35.61
C ARG A 103 -15.54 18.72 -34.71
N GLU A 104 -15.08 18.18 -33.59
CA GLU A 104 -15.95 17.81 -32.47
C GLU A 104 -15.23 18.22 -31.20
N LYS A 105 -15.95 18.89 -30.31
CA LYS A 105 -15.41 19.27 -29.02
C LYS A 105 -16.17 18.56 -27.91
N ASN A 106 -15.44 18.15 -26.89
CA ASN A 106 -15.99 17.50 -25.72
C ASN A 106 -15.06 17.84 -24.56
N GLY A 107 -15.40 18.93 -23.85
CA GLY A 107 -14.53 19.47 -22.80
C GLY A 107 -13.19 19.90 -23.38
N LYS A 108 -12.12 19.35 -22.83
CA LYS A 108 -10.74 19.65 -23.25
C LYS A 108 -10.31 18.86 -24.51
N VAL A 109 -11.17 17.96 -24.98
CA VAL A 109 -10.83 17.08 -26.09
C VAL A 109 -11.41 17.63 -27.40
N LEU A 110 -10.54 18.12 -28.29
CA LEU A 110 -10.95 18.65 -29.59
C LEU A 110 -10.47 17.75 -30.72
N ARG A 111 -11.41 17.12 -31.40
CA ARG A 111 -11.06 16.27 -32.52
C ARG A 111 -11.32 17.00 -33.83
N VAL A 112 -10.28 17.07 -34.67
CA VAL A 112 -10.31 17.75 -35.93
C VAL A 112 -10.28 16.72 -37.04
N PHE A 113 -11.33 16.74 -37.86
CA PHE A 113 -11.51 15.78 -38.93
C PHE A 113 -11.10 16.40 -40.26
N PHE A 114 -10.77 15.54 -41.20
CA PHE A 114 -10.29 15.95 -42.50
C PHE A 114 -11.13 15.30 -43.61
N PHE A 115 -11.01 15.86 -44.82
CA PHE A 115 -11.68 15.30 -46.00
C PHE A 115 -11.08 13.97 -46.38
N ASP A 116 -9.74 13.87 -46.25
CA ASP A 116 -9.10 12.57 -46.15
C ASP A 116 -9.73 11.88 -44.93
N GLN A 117 -10.72 11.03 -45.21
CA GLN A 117 -11.52 10.35 -44.18
C GLN A 117 -10.65 9.45 -43.29
N ASP A 118 -9.47 9.09 -43.79
CA ASP A 118 -8.57 8.20 -43.08
C ASP A 118 -7.83 8.85 -41.92
N LYS A 119 -7.74 10.18 -41.90
CA LYS A 119 -6.95 10.84 -40.88
C LYS A 119 -7.73 11.84 -40.01
N PHE A 120 -7.44 11.83 -38.71
CA PHE A 120 -7.88 12.90 -37.81
C PHE A 120 -6.83 13.23 -36.72
N VAL A 121 -6.94 14.43 -36.16
CA VAL A 121 -6.06 14.89 -35.10
C VAL A 121 -6.92 15.15 -33.87
N THR A 122 -6.53 14.61 -32.73
CA THR A 122 -7.18 14.93 -31.46
C THR A 122 -6.26 15.86 -30.67
N CYS A 123 -6.76 17.06 -30.37
CA CYS A 123 -6.06 18.02 -29.54
C CYS A 123 -6.56 17.96 -28.12
N TYR A 124 -5.61 18.00 -27.19
CA TYR A 124 -5.91 18.05 -25.78
C TYR A 124 -5.59 19.44 -25.25
N LEU A 125 -6.65 20.20 -25.01
CA LEU A 125 -6.55 21.60 -24.64
C LEU A 125 -6.16 21.79 -23.20
N VAL A 126 -5.40 22.85 -22.93
CA VAL A 126 -5.03 23.22 -21.56
C VAL A 126 -6.31 23.60 -20.83
N ASP A 127 -7.15 24.38 -21.51
CA ASP A 127 -8.35 24.98 -20.94
C ASP A 127 -9.50 24.80 -21.95
N GLU A 128 -10.58 24.16 -21.50
CA GLU A 128 -11.78 23.91 -22.34
C GLU A 128 -12.25 25.14 -23.12
N ASN A 129 -12.03 26.33 -22.55
CA ASN A 129 -12.49 27.56 -23.18
C ASN A 129 -11.37 28.42 -23.77
N LYS A 130 -10.21 27.80 -24.00
CA LYS A 130 -9.12 28.45 -24.70
C LYS A 130 -8.66 27.55 -25.85
N ASP A 131 -7.81 28.07 -26.73
CA ASP A 131 -7.31 27.26 -27.84
C ASP A 131 -5.83 26.82 -27.67
N LEU A 132 -5.33 26.83 -26.44
CA LEU A 132 -3.96 26.35 -26.15
C LEU A 132 -3.94 24.81 -26.11
N VAL A 133 -2.95 24.21 -26.76
CA VAL A 133 -2.91 22.75 -26.92
C VAL A 133 -1.67 22.13 -26.27
N GLN A 134 -1.92 21.28 -25.26
CA GLN A 134 -0.87 20.68 -24.42
C GLN A 134 -0.21 19.53 -25.19
N HIS A 135 -1.04 18.70 -25.82
CA HIS A 135 -0.55 17.64 -26.72
C HIS A 135 -1.61 17.25 -27.72
N ALA A 136 -1.18 16.57 -28.79
CA ALA A 136 -2.05 16.20 -29.91
C ALA A 136 -1.72 14.81 -30.39
N GLU A 137 -2.74 14.11 -30.88
CA GLU A 137 -2.63 12.73 -31.34
C GLU A 137 -3.02 12.62 -32.81
N TYR A 138 -2.17 11.97 -33.61
CA TYR A 138 -2.44 11.77 -35.04
C TYR A 138 -2.83 10.34 -35.33
N VAL A 139 -3.99 10.18 -35.93
CA VAL A 139 -4.57 8.86 -36.15
C VAL A 139 -4.81 8.64 -37.63
N PHE A 140 -4.37 7.49 -38.14
CA PHE A 140 -4.57 7.13 -39.54
C PHE A 140 -5.32 5.81 -39.62
N LYS A 141 -6.38 5.79 -40.44
CA LYS A 141 -7.28 4.63 -40.56
C LYS A 141 -7.45 3.91 -39.22
N GLY A 142 -7.83 4.67 -38.20
CA GLY A 142 -8.11 4.11 -36.87
C GLY A 142 -6.92 3.93 -35.95
N ASN A 143 -5.72 3.95 -36.51
CA ASN A 143 -4.50 3.68 -35.74
C ASN A 143 -3.68 4.92 -35.36
N LEU A 144 -3.40 5.03 -34.08
CA LEU A 144 -2.58 6.11 -33.53
C LEU A 144 -1.13 5.93 -33.99
N ILE A 145 -0.60 6.97 -34.61
CA ILE A 145 0.70 6.94 -35.28
C ILE A 145 1.72 7.86 -34.58
N ARG A 146 1.27 8.97 -34.03
CA ARG A 146 2.18 9.94 -33.42
C ARG A 146 1.44 10.80 -32.42
N LYS A 147 2.13 11.10 -31.32
CA LYS A 147 1.70 12.09 -30.35
C LYS A 147 2.76 13.16 -30.21
N ASP A 148 2.35 14.42 -30.31
CA ASP A 148 3.24 15.55 -30.12
C ASP A 148 2.87 16.25 -28.83
N TYR A 149 3.88 16.80 -28.15
CA TYR A 149 3.75 17.49 -26.87
C TYR A 149 4.33 18.91 -26.98
N PHE A 150 3.59 19.91 -26.47
CA PHE A 150 3.89 21.34 -26.75
C PHE A 150 4.03 22.22 -25.51
N SER A 151 5.00 23.14 -25.54
CA SER A 151 5.10 24.26 -24.58
C SER A 151 4.93 25.51 -25.43
N TYR A 152 6.02 26.22 -25.74
CA TYR A 152 5.95 27.30 -26.76
C TYR A 152 6.25 26.74 -28.17
N THR A 153 6.73 25.50 -28.22
CA THR A 153 6.88 24.75 -29.47
C THR A 153 6.81 23.26 -29.11
N ARG A 154 6.83 22.39 -30.13
CA ARG A 154 6.86 20.95 -29.87
C ARG A 154 8.20 20.54 -29.26
N TYR A 155 8.16 19.96 -28.06
CA TYR A 155 9.36 19.49 -27.41
C TYR A 155 9.57 17.96 -27.45
N CYS A 156 8.52 17.19 -27.70
CA CYS A 156 8.57 15.72 -27.76
C CYS A 156 7.56 15.15 -28.77
N SER A 157 7.97 14.11 -29.48
CA SER A 157 7.04 13.24 -30.23
C SER A 157 7.15 11.78 -29.79
N GLU A 158 6.01 11.12 -29.73
CA GLU A 158 5.93 9.70 -29.52
C GLU A 158 5.42 9.03 -30.77
N TYR A 159 6.04 7.90 -31.12
CA TYR A 159 5.74 7.15 -32.32
C TYR A 159 5.17 5.79 -31.94
N PHE A 160 4.07 5.43 -32.59
CA PHE A 160 3.32 4.21 -32.28
C PHE A 160 3.09 3.37 -33.54
N ALA A 161 3.00 2.05 -33.36
CA ALA A 161 2.60 1.13 -34.42
C ALA A 161 1.57 0.12 -33.88
N PRO A 162 0.64 -0.34 -34.75
CA PRO A 162 -0.44 -1.22 -34.29
C PRO A 162 0.01 -2.65 -34.06
N LYS A 163 -0.45 -3.25 -32.98
CA LYS A 163 -0.22 -4.68 -32.71
C LYS A 163 -1.47 -5.24 -32.05
N ASP A 164 -2.14 -6.15 -32.74
CA ASP A 164 -3.45 -6.67 -32.32
C ASP A 164 -4.46 -5.54 -32.18
N ASN A 165 -4.36 -4.54 -33.06
CA ASN A 165 -5.20 -3.34 -33.04
C ASN A 165 -4.93 -2.38 -31.86
N VAL A 166 -3.97 -2.73 -30.99
CA VAL A 166 -3.55 -1.81 -29.92
C VAL A 166 -2.26 -1.04 -30.28
N ALA A 167 -2.29 0.27 -30.07
CA ALA A 167 -1.16 1.15 -30.41
C ALA A 167 0.00 0.85 -29.46
N VAL A 168 1.14 0.48 -30.03
CA VAL A 168 2.34 0.14 -29.25
C VAL A 168 3.38 1.25 -29.40
N LEU A 169 3.77 1.86 -28.28
CA LEU A 169 4.79 2.91 -28.28
C LEU A 169 6.17 2.33 -28.57
N TYR A 170 6.82 2.76 -29.63
CA TYR A 170 8.20 2.27 -29.89
C TYR A 170 9.32 3.31 -29.80
N GLN A 171 8.99 4.59 -29.96
CA GLN A 171 10.03 5.62 -29.99
C GLN A 171 9.51 6.93 -29.42
N ARG A 172 10.37 7.60 -28.66
CA ARG A 172 10.14 8.97 -28.22
C ARG A 172 11.30 9.82 -28.69
N THR A 173 11.02 10.98 -29.27
CA THR A 173 12.09 11.86 -29.74
C THR A 173 11.92 13.22 -29.06
N PHE A 174 13.03 13.80 -28.62
CA PHE A 174 13.03 15.14 -28.02
C PHE A 174 13.71 16.13 -28.96
N TYR A 175 13.16 17.34 -29.04
CA TYR A 175 13.57 18.35 -30.02
C TYR A 175 14.22 19.58 -29.38
N ASN A 176 15.00 20.28 -30.21
CA ASN A 176 15.41 21.65 -29.93
C ASN A 176 14.37 22.64 -30.45
N GLU A 177 14.53 23.92 -30.09
CA GLU A 177 13.62 24.98 -30.55
C GLU A 177 13.40 25.02 -32.06
N ASP A 178 14.45 24.80 -32.83
CA ASP A 178 14.37 24.92 -34.29
C ASP A 178 13.73 23.71 -34.97
N GLY A 179 13.27 22.74 -34.18
CA GLY A 179 12.60 21.57 -34.74
C GLY A 179 13.52 20.39 -35.06
N THR A 180 14.82 20.55 -34.81
CA THR A 180 15.75 19.44 -35.01
C THR A 180 15.75 18.50 -33.79
N PRO A 181 15.77 17.17 -34.04
CA PRO A 181 15.80 16.22 -32.93
C PRO A 181 17.13 16.22 -32.24
N VAL A 182 17.13 16.05 -30.93
CA VAL A 182 18.35 15.94 -30.15
C VAL A 182 18.65 14.47 -29.88
N TYR A 183 17.65 13.72 -29.46
CA TYR A 183 17.87 12.30 -29.15
C TYR A 183 16.58 11.51 -29.27
N ASP A 184 16.71 10.20 -29.47
CA ASP A 184 15.56 9.29 -29.56
C ASP A 184 15.64 8.30 -28.42
N ILE A 185 14.50 7.90 -27.87
CA ILE A 185 14.51 6.83 -26.89
C ILE A 185 13.79 5.68 -27.54
N LEU A 186 14.47 4.56 -27.66
CA LEU A 186 13.84 3.37 -28.20
C LEU A 186 13.18 2.65 -27.04
N MET A 187 11.87 2.42 -27.18
CA MET A 187 11.04 1.88 -26.11
C MET A 187 10.78 0.39 -26.31
N ASN A 188 10.66 -0.33 -25.19
CA ASN A 188 10.22 -1.72 -25.24
C ASN A 188 9.34 -2.00 -24.05
N GLN A 189 8.04 -2.11 -24.34
CA GLN A 189 7.00 -2.34 -23.33
C GLN A 189 7.13 -1.41 -22.13
N GLY A 190 7.24 -0.10 -22.40
CA GLY A 190 7.42 0.90 -21.34
C GLY A 190 8.82 1.09 -20.80
N LYS A 191 9.75 0.24 -21.20
CA LYS A 191 11.12 0.41 -20.72
C LYS A 191 11.86 1.30 -21.72
N GLU A 192 12.54 2.32 -21.21
CA GLU A 192 13.42 3.17 -22.02
C GLU A 192 14.77 2.45 -22.16
N GLU A 193 14.94 1.76 -23.28
CA GLU A 193 16.07 0.85 -23.41
C GLU A 193 17.34 1.51 -23.96
N VAL A 194 17.16 2.35 -24.96
CA VAL A 194 18.30 2.94 -25.67
C VAL A 194 18.01 4.43 -25.88
N TYR A 195 18.99 5.27 -25.58
CA TYR A 195 18.88 6.71 -25.81
C TYR A 195 19.91 7.08 -26.85
N HIS A 196 19.43 7.38 -28.05
CA HIS A 196 20.33 7.54 -29.18
C HIS A 196 20.56 9.00 -29.38
N PHE A 197 21.77 9.46 -29.08
CA PHE A 197 22.09 10.88 -29.23
C PHE A 197 22.73 11.28 -30.56
N LYS A 198 22.58 10.42 -31.57
CA LYS A 198 23.02 10.67 -32.96
C LYS A 198 24.51 10.37 -33.12
N ASP A 199 25.34 11.00 -32.28
CA ASP A 199 26.79 10.74 -32.26
C ASP A 199 27.26 9.83 -31.12
N LYS A 200 26.32 9.37 -30.29
CA LYS A 200 26.62 8.49 -29.17
C LYS A 200 25.32 7.86 -28.70
N ILE A 201 25.45 6.86 -27.84
CA ILE A 201 24.33 6.08 -27.40
C ILE A 201 24.47 5.71 -25.92
N PHE A 202 23.35 5.69 -25.19
CA PHE A 202 23.33 5.25 -23.80
C PHE A 202 22.39 4.07 -23.66
N TYR A 203 22.79 3.05 -22.89
CA TYR A 203 21.96 1.86 -22.67
C TYR A 203 21.38 1.87 -21.27
N GLY A 204 20.07 2.08 -21.15
CA GLY A 204 19.41 2.04 -19.83
C GLY A 204 19.31 3.39 -19.17
N LYS A 205 18.28 3.57 -18.34
CA LYS A 205 18.06 4.89 -17.73
C LYS A 205 19.22 5.32 -16.79
N GLN A 206 19.84 4.35 -16.12
CA GLN A 206 20.94 4.68 -15.24
C GLN A 206 22.09 5.41 -15.96
N ALA A 207 22.45 4.90 -17.13
CA ALA A 207 23.51 5.51 -17.93
C ALA A 207 23.10 6.90 -18.38
N PHE A 208 21.82 7.04 -18.70
CA PHE A 208 21.25 8.29 -19.15
C PHE A 208 21.30 9.33 -18.03
N VAL A 209 20.88 8.92 -16.83
CA VAL A 209 20.95 9.78 -15.64
C VAL A 209 22.40 10.12 -15.30
N ARG A 210 23.32 9.17 -15.49
CA ARG A 210 24.75 9.46 -15.30
C ARG A 210 25.21 10.61 -16.20
N ALA A 211 24.86 10.52 -17.48
CA ALA A 211 25.19 11.55 -18.47
C ALA A 211 24.60 12.89 -18.08
N PHE A 212 23.36 12.86 -17.60
CA PHE A 212 22.74 14.03 -17.04
C PHE A 212 23.57 14.62 -15.89
N MET A 213 23.89 13.78 -14.91
CA MET A 213 24.68 14.23 -13.75
C MET A 213 26.01 14.87 -14.18
N LYS A 214 26.72 14.23 -15.11
CA LYS A 214 28.02 14.74 -15.60
C LYS A 214 27.84 16.06 -16.29
N SER A 215 26.73 16.20 -17.03
CA SER A 215 26.37 17.45 -17.71
C SER A 215 26.16 18.64 -16.75
N LEU A 216 26.00 18.39 -15.46
CA LEU A 216 25.87 19.48 -14.48
C LEU A 216 27.21 20.15 -14.17
N ASN A 217 28.30 19.44 -14.44
CA ASN A 217 29.65 19.93 -14.19
C ASN A 217 29.76 20.36 -12.73
N LEU A 218 29.46 19.41 -11.84
CA LEU A 218 29.41 19.67 -10.40
C LEU A 218 30.77 20.13 -9.87
N ASN A 219 30.76 21.20 -9.07
CA ASN A 219 31.97 21.70 -8.40
C ASN A 219 31.95 21.26 -6.95
N LYS A 220 33.12 21.30 -6.31
CA LYS A 220 33.25 20.96 -4.90
C LYS A 220 32.34 21.82 -4.02
N SER A 221 32.08 23.07 -4.41
CA SER A 221 31.24 23.95 -3.62
C SER A 221 29.73 23.77 -3.87
N ASP A 222 29.36 22.85 -4.77
CA ASP A 222 27.95 22.54 -5.00
C ASP A 222 27.42 21.59 -3.94
N LEU A 223 26.10 21.63 -3.75
CA LEU A 223 25.39 20.69 -2.90
C LEU A 223 24.28 19.97 -3.69
N VAL A 224 24.30 18.64 -3.62
CA VAL A 224 23.23 17.81 -4.18
C VAL A 224 22.38 17.31 -2.99
N ILE A 225 21.10 17.66 -3.03
CA ILE A 225 20.15 17.21 -2.02
C ILE A 225 19.20 16.21 -2.69
N LEU A 226 19.21 15.01 -2.15
CA LEU A 226 18.42 13.91 -2.68
C LEU A 226 17.13 13.67 -1.89
N ASP A 227 16.01 13.95 -2.51
CA ASP A 227 14.71 13.75 -1.87
C ASP A 227 14.10 12.36 -2.09
N ARG A 228 14.16 11.90 -3.34
CA ARG A 228 13.68 10.59 -3.74
C ARG A 228 14.57 10.09 -4.84
N GLU A 229 14.79 8.78 -4.88
CA GLU A 229 15.96 8.24 -5.57
C GLU A 229 15.78 6.83 -6.13
N THR A 230 14.56 6.30 -6.06
CA THR A 230 14.31 4.95 -6.59
C THR A 230 14.79 4.83 -8.02
N GLY A 231 15.69 3.87 -8.27
CA GLY A 231 16.19 3.60 -9.61
C GLY A 231 17.51 4.27 -9.97
N ILE A 232 17.82 5.38 -9.31
CA ILE A 232 18.92 6.28 -9.72
C ILE A 232 19.96 6.56 -8.62
N GLY A 233 19.72 6.00 -7.44
CA GLY A 233 20.56 6.19 -6.24
C GLY A 233 22.05 6.03 -6.43
N GLN A 234 22.45 4.91 -6.99
CA GLN A 234 23.86 4.62 -7.18
C GLN A 234 24.55 5.66 -8.05
N VAL A 235 23.91 6.01 -9.16
CA VAL A 235 24.44 6.98 -10.13
C VAL A 235 24.52 8.38 -9.52
N VAL A 236 23.47 8.77 -8.78
CA VAL A 236 23.49 10.04 -8.05
C VAL A 236 24.63 10.08 -7.00
N PHE A 237 24.74 9.00 -6.22
CA PHE A 237 25.76 8.88 -5.18
C PHE A 237 27.14 9.02 -5.78
N GLU A 238 27.40 8.28 -6.86
CA GLU A 238 28.72 8.27 -7.47
C GLU A 238 29.09 9.63 -8.04
N GLU A 239 28.18 10.23 -8.79
CA GLU A 239 28.44 11.49 -9.45
C GLU A 239 28.43 12.69 -8.52
N ALA A 240 27.82 12.52 -7.35
CA ALA A 240 27.76 13.61 -6.37
C ALA A 240 29.02 13.69 -5.50
N GLN A 241 29.88 12.69 -5.57
CA GLN A 241 31.09 12.65 -4.72
C GLN A 241 32.05 13.82 -4.96
N THR A 242 32.04 14.37 -6.17
CA THR A 242 32.90 15.53 -6.48
C THR A 242 32.30 16.81 -5.93
N ALA A 243 31.03 16.79 -5.56
CA ALA A 243 30.39 17.91 -4.87
C ALA A 243 30.19 17.54 -3.40
N HIS A 244 29.08 17.99 -2.82
CA HIS A 244 28.62 17.47 -1.53
C HIS A 244 27.27 16.83 -1.73
N LEU A 245 26.98 15.82 -0.92
CA LEU A 245 25.76 15.03 -1.03
C LEU A 245 25.00 15.03 0.28
N ALA A 246 23.76 15.49 0.25
CA ALA A 246 22.86 15.42 1.39
C ALA A 246 21.66 14.55 1.00
N VAL A 247 21.17 13.76 1.97
CA VAL A 247 19.97 12.93 1.79
C VAL A 247 18.92 13.41 2.78
N VAL A 248 17.76 13.80 2.28
CA VAL A 248 16.66 14.20 3.14
C VAL A 248 15.80 12.97 3.45
N VAL A 249 15.56 12.76 4.74
CA VAL A 249 14.69 11.70 5.24
C VAL A 249 13.31 12.31 5.45
N HIS A 250 12.31 11.83 4.72
CA HIS A 250 10.98 12.47 4.75
C HIS A 250 9.95 11.87 5.67
N ALA A 251 9.81 10.55 5.62
CA ALA A 251 8.82 9.86 6.43
C ALA A 251 9.54 9.08 7.54
N GLU A 252 8.79 8.29 8.31
CA GLU A 252 9.39 7.30 9.23
C GLU A 252 10.34 6.40 8.42
N HIS A 253 11.49 6.02 8.97
CA HIS A 253 12.59 5.53 8.14
C HIS A 253 12.95 4.08 8.37
N TYR A 254 12.18 3.39 9.22
CA TYR A 254 12.40 1.98 9.50
C TYR A 254 11.06 1.36 9.92
N SER A 255 10.97 0.04 9.90
CA SER A 255 9.77 -0.66 10.32
C SER A 255 9.93 -1.22 11.71
N GLU A 256 9.18 -0.62 12.63
CA GLU A 256 9.22 -1.01 14.03
C GLU A 256 8.82 -2.45 14.22
N ASN A 257 7.74 -2.89 13.57
CA ASN A 257 7.28 -4.29 13.74
C ASN A 257 8.29 -5.35 13.30
N ALA A 258 9.15 -5.02 12.32
CA ALA A 258 10.12 -5.99 11.81
C ALA A 258 11.49 -5.93 12.50
N THR A 259 11.73 -4.84 13.21
CA THR A 259 13.02 -4.56 13.81
C THR A 259 13.11 -5.19 15.22
N ASN A 260 14.29 -5.70 15.54
CA ASN A 260 14.60 -6.19 16.89
C ASN A 260 16.02 -5.78 17.27
N GLU A 261 16.56 -6.37 18.33
CA GLU A 261 17.88 -5.98 18.84
C GLU A 261 19.02 -6.18 17.84
N ASP A 262 18.92 -7.22 17.03
CA ASP A 262 20.00 -7.60 16.13
C ASP A 262 19.80 -7.23 14.65
N TYR A 263 18.57 -6.92 14.29
CA TYR A 263 18.18 -6.70 12.91
C TYR A 263 17.29 -5.48 12.77
N ILE A 264 17.59 -4.65 11.79
CA ILE A 264 16.72 -3.53 11.46
C ILE A 264 16.23 -3.63 10.00
N LEU A 265 14.96 -3.31 9.79
CA LEU A 265 14.45 -3.17 8.43
C LEU A 265 14.17 -1.68 8.21
N TRP A 266 14.94 -1.08 7.30
CA TRP A 266 14.77 0.30 6.87
C TRP A 266 13.53 0.43 6.02
N ASN A 267 12.96 1.63 5.94
CA ASN A 267 12.01 2.03 4.90
C ASN A 267 12.69 1.82 3.54
N ASN A 268 11.98 1.19 2.59
CA ASN A 268 12.58 0.93 1.26
C ASN A 268 13.17 2.19 0.60
N TYR A 269 12.54 3.34 0.79
CA TYR A 269 13.05 4.58 0.18
C TYR A 269 14.38 5.07 0.76
N TYR A 270 14.89 4.40 1.80
CA TYR A 270 16.14 4.83 2.44
C TYR A 270 17.19 3.74 2.59
N ASP A 271 16.80 2.50 2.29
CA ASP A 271 17.68 1.36 2.47
C ASP A 271 19.00 1.55 1.76
N TYR A 272 18.94 2.03 0.51
CA TYR A 272 20.15 2.24 -0.26
C TYR A 272 21.04 3.32 0.39
N GLN A 273 20.44 4.46 0.69
CA GLN A 273 21.18 5.59 1.25
C GLN A 273 21.82 5.27 2.60
N PHE A 274 21.12 4.48 3.43
CA PHE A 274 21.57 4.13 4.77
C PHE A 274 22.68 3.06 4.70
N THR A 275 22.50 2.08 3.81
CA THR A 275 23.54 1.06 3.53
C THR A 275 24.86 1.74 3.15
N ASN A 276 24.75 2.78 2.33
CA ASN A 276 25.92 3.49 1.80
C ASN A 276 26.10 4.89 2.39
N ALA A 277 25.86 5.01 3.70
CA ALA A 277 25.92 6.30 4.41
C ALA A 277 27.31 6.93 4.41
N ASP A 278 28.34 6.09 4.27
CA ASP A 278 29.72 6.59 4.11
C ASP A 278 29.91 7.53 2.92
N LYS A 279 29.00 7.48 1.94
CA LYS A 279 29.07 8.35 0.76
C LYS A 279 28.30 9.67 0.92
N VAL A 280 27.54 9.77 2.00
CA VAL A 280 26.67 10.92 2.26
C VAL A 280 27.38 11.88 3.23
N ASP A 281 27.43 13.16 2.85
CA ASP A 281 28.04 14.20 3.69
C ASP A 281 27.19 14.48 4.93
N PHE A 282 25.87 14.64 4.75
CA PHE A 282 24.95 14.67 5.89
C PHE A 282 23.52 14.24 5.55
N PHE A 283 22.83 13.67 6.54
CA PHE A 283 21.40 13.42 6.40
C PHE A 283 20.63 14.57 7.04
N ILE A 284 19.49 14.91 6.45
CA ILE A 284 18.58 15.90 7.00
C ILE A 284 17.29 15.22 7.48
N VAL A 285 16.89 15.48 8.73
CA VAL A 285 15.58 15.04 9.25
C VAL A 285 14.80 16.23 9.78
N SER A 286 13.47 16.09 9.89
CA SER A 286 12.63 17.22 10.26
C SER A 286 12.51 17.52 11.77
N THR A 287 12.75 16.52 12.61
CA THR A 287 12.64 16.69 14.06
C THR A 287 13.84 16.12 14.77
N ASP A 288 14.11 16.63 15.97
CA ASP A 288 15.20 16.12 16.80
C ASP A 288 14.96 14.70 17.28
N ARG A 289 13.71 14.32 17.50
CA ARG A 289 13.42 12.94 17.88
C ARG A 289 13.83 11.96 16.77
N GLN A 290 13.50 12.27 15.52
CA GLN A 290 13.93 11.36 14.43
C GLN A 290 15.44 11.36 14.33
N ASN A 291 16.03 12.54 14.54
CA ASN A 291 17.48 12.68 14.53
C ASN A 291 18.13 11.69 15.49
N GLU A 292 17.69 11.70 16.75
CA GLU A 292 18.25 10.83 17.79
C GLU A 292 18.01 9.35 17.51
N VAL A 293 16.78 9.02 17.09
CA VAL A 293 16.44 7.64 16.72
C VAL A 293 17.38 7.11 15.64
N LEU A 294 17.52 7.88 14.56
CA LEU A 294 18.36 7.46 13.45
C LEU A 294 19.82 7.35 13.86
N GLN A 295 20.31 8.34 14.61
CA GLN A 295 21.71 8.28 15.07
C GLN A 295 21.98 6.98 15.83
N GLU A 296 21.13 6.69 16.81
CA GLU A 296 21.21 5.44 17.58
C GLU A 296 21.21 4.21 16.67
N GLN A 297 20.35 4.20 15.66
CA GLN A 297 20.26 3.02 14.81
C GLN A 297 21.49 2.83 13.94
N PHE A 298 22.06 3.94 13.47
CA PHE A 298 23.32 3.87 12.74
C PHE A 298 24.41 3.21 13.59
N ALA A 299 24.48 3.61 14.86
CA ALA A 299 25.46 3.08 15.80
C ALA A 299 25.19 1.63 16.14
N LYS A 300 23.91 1.27 16.30
CA LYS A 300 23.55 -0.08 16.72
C LYS A 300 23.62 -1.12 15.60
N TYR A 301 23.26 -0.73 14.39
CA TYR A 301 23.09 -1.71 13.30
C TYR A 301 24.11 -1.65 12.16
N THR A 302 24.89 -0.57 12.10
CA THR A 302 25.79 -0.33 10.98
C THR A 302 27.20 0.05 11.44
N GLN A 303 28.14 0.09 10.49
CA GLN A 303 29.50 0.52 10.76
C GLN A 303 29.71 1.99 10.39
N HIS A 304 28.63 2.74 10.19
CA HIS A 304 28.72 4.17 9.86
C HIS A 304 28.28 5.04 11.02
N GLN A 305 28.86 6.23 11.10
CA GLN A 305 28.35 7.24 12.04
C GLN A 305 28.23 8.56 11.31
N PRO A 306 27.16 8.69 10.51
CA PRO A 306 27.04 9.84 9.64
C PRO A 306 26.61 11.08 10.40
N LYS A 307 26.83 12.24 9.80
CA LYS A 307 26.34 13.49 10.33
C LYS A 307 24.85 13.60 10.01
N ILE A 308 24.07 13.99 11.00
CA ILE A 308 22.62 14.12 10.84
C ILE A 308 22.20 15.48 11.38
N VAL A 309 21.55 16.28 10.55
CA VAL A 309 21.14 17.62 10.94
C VAL A 309 19.62 17.70 10.95
N THR A 310 19.06 18.43 11.91
CA THR A 310 17.63 18.65 11.98
C THR A 310 17.25 19.96 11.31
N ILE A 311 16.52 19.88 10.20
CA ILE A 311 16.00 21.06 9.53
C ILE A 311 14.56 20.75 9.13
N PRO A 312 13.59 21.43 9.75
CA PRO A 312 12.17 21.25 9.41
C PRO A 312 11.96 21.46 7.91
N VAL A 313 11.15 20.58 7.30
CA VAL A 313 10.84 20.64 5.87
C VAL A 313 9.89 21.78 5.54
N GLY A 314 9.30 22.38 6.56
CA GLY A 314 8.42 23.52 6.32
C GLY A 314 8.64 24.59 7.37
N SER A 315 8.17 25.80 7.07
CA SER A 315 8.17 26.87 8.06
C SER A 315 7.01 27.79 7.73
N ILE A 316 6.61 28.65 8.66
CA ILE A 316 5.45 29.51 8.49
C ILE A 316 5.97 30.95 8.30
N ASP A 317 5.57 31.60 7.21
CA ASP A 317 6.06 32.97 6.95
C ASP A 317 5.58 33.89 8.07
N SER A 318 4.28 33.91 8.30
CA SER A 318 3.71 34.56 9.46
C SER A 318 2.49 33.77 9.89
N LEU A 319 2.06 33.99 11.14
CA LEU A 319 0.79 33.45 11.61
C LEU A 319 -0.32 34.07 10.81
N THR A 320 -1.38 33.31 10.57
CA THR A 320 -2.51 33.80 9.82
C THR A 320 -3.71 33.87 10.74
N ASP A 321 -4.33 35.05 10.82
CA ASP A 321 -5.57 35.22 11.59
C ASP A 321 -6.74 34.96 10.69
N SER A 322 -7.86 34.56 11.30
CA SER A 322 -9.08 34.39 10.53
C SER A 322 -9.44 35.74 9.96
N SER A 323 -9.81 35.75 8.68
CA SER A 323 -10.10 37.02 7.98
C SER A 323 -11.56 37.45 8.09
N GLN A 324 -12.46 36.46 8.15
CA GLN A 324 -13.88 36.74 8.30
C GLN A 324 -14.48 35.92 9.43
N GLY A 325 -13.64 35.21 10.17
CA GLY A 325 -14.13 34.37 11.24
C GLY A 325 -14.15 32.89 10.87
N ARG A 326 -14.30 32.06 11.88
CA ARG A 326 -14.27 30.61 11.71
C ARG A 326 -15.67 30.08 11.93
N LYS A 327 -16.14 29.27 11.00
CA LYS A 327 -17.47 28.67 11.12
C LYS A 327 -17.58 27.86 12.44
N PRO A 328 -18.66 28.10 13.22
CA PRO A 328 -18.80 27.36 14.47
C PRO A 328 -18.90 25.86 14.25
N PHE A 329 -18.19 25.10 15.07
CA PHE A 329 -18.23 23.63 15.03
C PHE A 329 -17.64 23.04 13.73
N SER A 330 -16.88 23.83 12.99
CA SER A 330 -16.31 23.35 11.73
C SER A 330 -14.98 22.60 11.93
N LEU A 331 -14.89 21.40 11.35
CA LEU A 331 -13.69 20.57 11.44
C LEU A 331 -13.02 20.44 10.05
N ILE A 332 -11.71 20.27 10.05
CA ILE A 332 -10.95 20.15 8.79
C ILE A 332 -9.86 19.08 8.90
N THR A 333 -9.60 18.38 7.80
CA THR A 333 -8.38 17.59 7.62
C THR A 333 -7.88 17.80 6.19
N ALA A 334 -6.57 17.64 5.99
CA ALA A 334 -5.96 17.93 4.68
C ALA A 334 -4.82 16.96 4.46
N SER A 335 -5.01 16.06 3.51
CA SER A 335 -4.02 15.02 3.21
C SER A 335 -4.34 14.30 1.91
N ARG A 336 -3.34 13.63 1.37
CA ARG A 336 -3.60 12.56 0.42
C ARG A 336 -4.70 11.66 1.02
N LEU A 337 -5.62 11.23 0.18
CA LEU A 337 -6.65 10.27 0.60
C LEU A 337 -6.11 8.85 0.49
N ALA A 338 -5.27 8.51 1.46
CA ALA A 338 -4.45 7.34 1.41
C ALA A 338 -4.71 6.58 2.69
N LYS A 339 -4.57 5.26 2.62
CA LYS A 339 -4.85 4.38 3.77
C LYS A 339 -4.14 4.81 5.04
N GLU A 340 -2.84 5.15 4.95
CA GLU A 340 -2.03 5.53 6.12
C GLU A 340 -2.51 6.80 6.85
N LYS A 341 -3.41 7.55 6.23
CA LYS A 341 -4.01 8.75 6.87
C LYS A 341 -5.32 8.40 7.62
N HIS A 342 -5.89 7.23 7.31
CA HIS A 342 -7.09 6.70 8.00
C HIS A 342 -8.20 7.70 8.16
N ILE A 343 -8.47 8.46 7.10
CA ILE A 343 -9.52 9.46 7.15
C ILE A 343 -10.87 8.80 7.46
N ASP A 344 -11.02 7.52 7.09
CA ASP A 344 -12.26 6.81 7.37
C ASP A 344 -12.59 6.75 8.86
N TRP A 345 -11.57 6.58 9.70
CA TRP A 345 -11.73 6.68 11.13
C TRP A 345 -12.24 8.03 11.56
N LEU A 346 -11.72 9.11 10.95
CA LEU A 346 -12.20 10.44 11.27
C LEU A 346 -13.66 10.66 10.87
N VAL A 347 -14.03 10.18 9.69
CA VAL A 347 -15.40 10.33 9.22
C VAL A 347 -16.36 9.66 10.21
N LYS A 348 -16.10 8.40 10.56
CA LYS A 348 -16.90 7.66 11.57
C LYS A 348 -16.97 8.33 12.95
N ALA A 349 -15.85 8.93 13.37
CA ALA A 349 -15.79 9.69 14.61
C ALA A 349 -16.67 10.93 14.54
N VAL A 350 -16.63 11.62 13.41
CA VAL A 350 -17.44 12.83 13.21
C VAL A 350 -18.93 12.49 13.16
N ILE A 351 -19.31 11.43 12.47
CA ILE A 351 -20.68 10.93 12.46
C ILE A 351 -21.19 10.70 13.90
N GLU A 352 -20.33 10.13 14.74
CA GLU A 352 -20.67 9.82 16.11
C GLU A 352 -20.79 11.08 16.97
N ALA A 353 -19.81 11.97 16.87
CA ALA A 353 -19.81 13.22 17.62
C ALA A 353 -21.00 14.09 17.25
N HIS A 354 -21.43 13.97 15.99
CA HIS A 354 -22.55 14.74 15.46
C HIS A 354 -23.86 14.46 16.17
N LYS A 355 -23.94 13.29 16.82
CA LYS A 355 -25.09 12.96 17.67
C LYS A 355 -25.20 13.93 18.83
N GLU A 356 -24.06 14.34 19.37
CA GLU A 356 -23.99 15.23 20.53
C GLU A 356 -23.93 16.69 20.11
N LEU A 357 -23.30 16.96 18.96
CA LEU A 357 -23.15 18.32 18.44
C LEU A 357 -23.66 18.35 17.01
N PRO A 358 -24.98 18.54 16.82
CA PRO A 358 -25.60 18.44 15.49
C PRO A 358 -25.10 19.51 14.52
N GLU A 359 -24.38 20.50 15.03
CA GLU A 359 -23.88 21.61 14.23
C GLU A 359 -22.52 21.28 13.56
N LEU A 360 -21.86 20.23 14.05
CA LEU A 360 -20.57 19.79 13.51
C LEU A 360 -20.53 19.68 12.00
N THR A 361 -19.49 20.26 11.38
CA THR A 361 -19.16 19.93 9.99
C THR A 361 -17.69 19.49 9.87
N PHE A 362 -17.38 18.80 8.78
CA PHE A 362 -16.06 18.18 8.56
C PHE A 362 -15.75 18.24 7.08
N ASP A 363 -14.82 19.12 6.70
CA ASP A 363 -14.35 19.23 5.32
C ASP A 363 -13.03 18.49 5.15
N ILE A 364 -12.96 17.70 4.08
CA ILE A 364 -11.81 16.84 3.80
C ILE A 364 -11.13 17.29 2.51
N TYR A 365 -9.92 17.83 2.64
CA TYR A 365 -9.13 18.32 1.50
C TYR A 365 -8.08 17.30 1.08
N GLY A 366 -7.86 17.18 -0.22
CA GLY A 366 -6.87 16.25 -0.76
C GLY A 366 -7.46 15.33 -1.83
N SER A 367 -6.61 14.50 -2.43
CA SER A 367 -7.02 13.54 -3.44
C SER A 367 -6.39 12.20 -3.15
N GLY A 368 -6.98 11.14 -3.67
CA GLY A 368 -6.40 9.81 -3.49
C GLY A 368 -7.45 8.71 -3.56
N GLY A 369 -6.98 7.47 -3.65
CA GLY A 369 -7.84 6.32 -3.89
C GLY A 369 -8.83 6.02 -2.79
N GLU A 370 -8.64 6.61 -1.60
CA GLU A 370 -9.60 6.40 -0.51
C GLU A 370 -10.91 7.13 -0.70
N ASP A 371 -10.99 8.03 -1.68
CA ASP A 371 -12.23 8.76 -1.93
C ASP A 371 -13.47 7.87 -2.10
N SER A 372 -13.32 6.72 -2.76
CA SER A 372 -14.44 5.81 -2.94
C SER A 372 -14.99 5.30 -1.59
N LEU A 373 -14.10 4.80 -0.73
CA LEU A 373 -14.51 4.39 0.61
C LEU A 373 -15.15 5.55 1.39
N LEU A 374 -14.56 6.74 1.32
CA LEU A 374 -15.05 7.87 2.09
C LEU A 374 -16.48 8.29 1.69
N ARG A 375 -16.73 8.38 0.38
CA ARG A 375 -18.06 8.62 -0.17
C ARG A 375 -19.07 7.55 0.27
N GLU A 376 -18.63 6.29 0.31
CA GLU A 376 -19.45 5.18 0.74
C GLU A 376 -19.89 5.31 2.20
N ILE A 377 -18.94 5.60 3.10
CA ILE A 377 -19.24 5.84 4.51
C ILE A 377 -20.22 7.01 4.71
N ILE A 378 -19.96 8.12 4.03
CA ILE A 378 -20.80 9.30 4.09
C ILE A 378 -22.22 8.99 3.59
N ALA A 379 -22.33 8.31 2.44
CA ALA A 379 -23.63 7.92 1.91
C ALA A 379 -24.40 7.03 2.89
N ASN A 380 -23.72 5.99 3.39
CA ASN A 380 -24.31 5.02 4.33
C ASN A 380 -24.88 5.63 5.61
N HIS A 381 -24.34 6.77 6.01
CA HIS A 381 -24.81 7.46 7.22
C HIS A 381 -25.60 8.71 6.91
N GLN A 382 -25.91 8.93 5.63
CA GLN A 382 -26.59 10.15 5.15
C GLN A 382 -25.94 11.42 5.69
N ALA A 383 -24.62 11.46 5.63
CA ALA A 383 -23.87 12.55 6.23
C ALA A 383 -23.42 13.61 5.21
N GLU A 384 -23.91 13.50 3.98
CA GLU A 384 -23.55 14.43 2.90
C GLU A 384 -23.66 15.93 3.23
N ASP A 385 -24.62 16.29 4.07
CA ASP A 385 -24.87 17.69 4.37
C ASP A 385 -23.85 18.30 5.31
N TYR A 386 -23.11 17.45 6.03
CA TYR A 386 -22.13 17.95 7.00
C TYR A 386 -20.70 17.37 6.90
N ILE A 387 -20.52 16.35 6.05
CA ILE A 387 -19.18 15.82 5.72
C ILE A 387 -18.99 15.84 4.21
N GLN A 388 -17.95 16.55 3.75
CA GLN A 388 -17.71 16.75 2.31
C GLN A 388 -16.22 16.66 1.89
N LEU A 389 -16.01 16.12 0.71
CA LEU A 389 -14.70 16.03 0.07
C LEU A 389 -14.54 17.26 -0.82
N LYS A 390 -13.49 18.02 -0.55
CA LYS A 390 -13.30 19.29 -1.23
C LYS A 390 -12.32 19.21 -2.39
N GLY A 391 -11.61 18.08 -2.53
CA GLY A 391 -10.58 17.97 -3.56
C GLY A 391 -9.26 18.53 -3.06
N HIS A 392 -8.24 18.49 -3.91
CA HIS A 392 -6.92 19.04 -3.56
C HIS A 392 -6.98 20.51 -3.84
N ALA A 393 -6.70 21.35 -2.84
CA ALA A 393 -6.78 22.79 -3.05
C ALA A 393 -5.58 23.57 -2.54
N GLU A 394 -5.50 24.85 -2.95
CA GLU A 394 -4.59 25.80 -2.34
C GLU A 394 -5.15 26.14 -0.95
N LEU A 395 -4.37 25.85 0.10
CA LEU A 395 -4.90 25.87 1.45
C LEU A 395 -4.56 27.09 2.31
N SER A 396 -3.75 28.01 1.78
CA SER A 396 -3.21 29.11 2.61
C SER A 396 -4.29 29.96 3.27
N GLN A 397 -5.40 30.18 2.56
CA GLN A 397 -6.54 30.97 3.09
C GLN A 397 -7.66 30.10 3.68
N ILE A 398 -7.47 28.78 3.63
CA ILE A 398 -8.54 27.84 3.93
C ILE A 398 -8.61 27.53 5.43
N TYR A 399 -7.46 27.21 6.02
CA TYR A 399 -7.38 26.70 7.39
C TYR A 399 -8.04 27.62 8.41
N SER A 400 -7.77 28.92 8.30
CA SER A 400 -8.25 29.88 9.30
C SER A 400 -9.75 30.19 9.16
N GLN A 401 -10.44 29.47 8.27
CA GLN A 401 -11.91 29.51 8.17
C GLN A 401 -12.57 28.43 9.06
N TYR A 402 -11.73 27.64 9.72
CA TYR A 402 -12.21 26.50 10.50
C TYR A 402 -11.85 26.62 11.98
N GLU A 403 -12.41 25.75 12.81
CA GLU A 403 -12.11 25.80 14.22
C GLU A 403 -11.05 24.81 14.68
N VAL A 404 -11.15 23.55 14.25
CA VAL A 404 -10.29 22.49 14.74
C VAL A 404 -9.83 21.58 13.59
N TYR A 405 -8.58 21.13 13.67
CA TYR A 405 -8.00 20.21 12.69
C TYR A 405 -7.96 18.81 13.29
N LEU A 406 -8.35 17.81 12.48
CA LEU A 406 -8.29 16.38 12.83
C LEU A 406 -7.32 15.54 11.97
N THR A 407 -6.61 14.61 12.60
CA THR A 407 -5.71 13.69 11.92
C THR A 407 -5.83 12.36 12.65
N ALA A 408 -5.92 11.30 11.84
CA ALA A 408 -5.87 9.92 12.29
C ALA A 408 -4.68 9.21 11.64
N SER A 409 -3.76 9.99 11.09
CA SER A 409 -2.53 9.42 10.56
C SER A 409 -1.77 8.71 11.68
N THR A 410 -1.30 7.51 11.37
CA THR A 410 -0.58 6.72 12.33
C THR A 410 0.93 7.00 12.35
N SER A 411 1.39 7.92 11.49
CA SER A 411 2.81 8.28 11.45
C SER A 411 3.08 9.50 10.58
N GLU A 412 3.85 10.46 11.09
CA GLU A 412 4.30 11.58 10.27
C GLU A 412 5.75 11.93 10.52
N GLY A 413 6.53 11.96 9.44
CA GLY A 413 7.89 12.45 9.51
C GLY A 413 7.90 13.88 10.04
N PHE A 414 6.88 14.64 9.67
CA PHE A 414 6.77 16.03 10.07
C PHE A 414 5.32 16.43 10.04
N GLY A 415 4.74 16.38 8.84
CA GLY A 415 3.33 16.73 8.64
C GLY A 415 3.11 18.19 8.38
N LEU A 416 3.30 18.59 7.12
CA LEU A 416 3.18 19.97 6.74
C LEU A 416 1.81 20.58 7.03
N THR A 417 0.72 19.82 6.85
CA THR A 417 -0.62 20.33 7.19
C THR A 417 -0.83 20.56 8.71
N LEU A 418 -0.05 19.85 9.54
CA LEU A 418 -0.09 20.09 10.99
C LEU A 418 0.53 21.45 11.33
N MET A 419 1.67 21.74 10.72
CA MET A 419 2.34 23.04 10.84
C MET A 419 1.46 24.16 10.28
N GLU A 420 0.94 23.92 9.08
CA GLU A 420 0.06 24.87 8.45
C GLU A 420 -1.17 25.13 9.30
N ALA A 421 -1.79 24.04 9.80
CA ALA A 421 -2.95 24.16 10.69
C ALA A 421 -2.68 25.02 11.95
N ILE A 422 -1.59 24.76 12.68
CA ILE A 422 -1.32 25.55 13.90
C ILE A 422 -0.93 27.01 13.60
N GLY A 423 -0.27 27.21 12.45
CA GLY A 423 0.06 28.55 11.96
C GLY A 423 -1.17 29.39 11.66
N SER A 424 -2.29 28.72 11.41
CA SER A 424 -3.58 29.38 11.25
C SER A 424 -4.47 29.24 12.52
N GLY A 425 -3.85 28.90 13.63
CA GLY A 425 -4.52 28.85 14.93
C GLY A 425 -5.53 27.73 15.09
N LEU A 426 -5.25 26.58 14.50
CA LEU A 426 -6.14 25.44 14.70
C LEU A 426 -5.61 24.55 15.78
N PRO A 427 -6.47 24.22 16.76
CA PRO A 427 -6.14 23.11 17.66
C PRO A 427 -6.07 21.83 16.84
N LEU A 428 -5.27 20.88 17.31
CA LEU A 428 -5.12 19.58 16.62
C LEU A 428 -5.59 18.44 17.51
N ILE A 429 -6.34 17.50 16.94
CA ILE A 429 -6.62 16.22 17.63
C ILE A 429 -6.02 15.07 16.81
N GLY A 430 -5.07 14.34 17.39
CA GLY A 430 -4.42 13.24 16.68
C GLY A 430 -3.87 12.15 17.57
N PHE A 431 -3.36 11.09 16.93
CA PHE A 431 -2.76 9.99 17.68
C PHE A 431 -1.44 10.39 18.32
N ASP A 432 -1.17 9.82 19.50
CA ASP A 432 0.09 10.00 20.20
C ASP A 432 1.15 9.13 19.53
N VAL A 433 1.62 9.56 18.36
CA VAL A 433 2.57 8.79 17.57
C VAL A 433 3.65 9.70 17.01
N PRO A 434 4.88 9.19 16.85
CA PRO A 434 5.95 10.03 16.29
C PRO A 434 5.81 10.22 14.77
N TYR A 435 6.45 11.24 14.19
CA TYR A 435 7.14 12.30 14.93
C TYR A 435 6.30 13.57 15.03
N GLY A 436 5.55 13.87 13.97
CA GLY A 436 4.88 15.16 13.82
C GLY A 436 3.85 15.52 14.88
N ASN A 437 3.00 14.57 15.24
CA ASN A 437 1.95 14.80 16.23
C ASN A 437 2.54 15.15 17.58
N GLN A 438 3.63 14.50 17.93
CA GLN A 438 4.33 14.76 19.17
C GLN A 438 5.09 16.10 19.15
N THR A 439 5.44 16.57 17.95
CA THR A 439 6.00 17.92 17.77
C THR A 439 4.93 19.03 17.87
N PHE A 440 3.78 18.82 17.25
CA PHE A 440 2.80 19.91 17.10
C PHE A 440 1.63 19.94 18.08
N ILE A 441 1.43 18.86 18.84
CA ILE A 441 0.32 18.78 19.79
C ILE A 441 0.85 18.67 21.22
N GLU A 442 0.46 19.65 22.04
CA GLU A 442 0.67 19.60 23.50
C GLU A 442 -0.63 19.15 24.12
N ASP A 443 -0.69 17.91 24.56
CA ASP A 443 -1.96 17.34 25.02
C ASP A 443 -2.59 18.22 26.08
N GLY A 444 -3.84 18.62 25.83
CA GLY A 444 -4.60 19.43 26.77
C GLY A 444 -4.33 20.91 26.68
N GLN A 445 -3.33 21.31 25.89
CA GLN A 445 -2.97 22.74 25.76
C GLN A 445 -3.38 23.29 24.41
N ASN A 446 -3.04 22.58 23.33
CA ASN A 446 -3.51 23.02 22.00
C ASN A 446 -4.35 21.97 21.29
N GLY A 447 -4.91 21.04 22.06
CA GLY A 447 -5.69 19.95 21.49
C GLY A 447 -5.47 18.72 22.32
N TYR A 448 -5.55 17.56 21.67
CA TYR A 448 -5.42 16.28 22.36
C TYR A 448 -4.62 15.23 21.59
N LEU A 449 -3.79 14.51 22.33
CA LEU A 449 -3.15 13.33 21.83
C LEU A 449 -3.93 12.11 22.29
N ILE A 450 -4.35 11.30 21.33
CA ILE A 450 -5.12 10.09 21.62
C ILE A 450 -4.21 8.87 21.60
N PRO A 451 -4.19 8.09 22.69
CA PRO A 451 -3.36 6.88 22.73
C PRO A 451 -3.68 6.02 21.52
N SER A 452 -2.65 5.44 20.92
CA SER A 452 -2.84 4.58 19.76
C SER A 452 -2.49 3.16 20.17
N SER A 453 -3.15 2.19 19.55
CA SER A 453 -2.81 0.79 19.79
C SER A 453 -2.54 0.07 18.47
N SER A 454 -1.68 -0.95 18.51
CA SER A 454 -1.33 -1.69 17.29
C SER A 454 -2.49 -2.52 16.74
N ASP A 455 -3.44 -2.94 17.60
CA ASP A 455 -4.58 -3.71 17.10
C ASP A 455 -5.64 -2.86 16.38
N HIS A 456 -5.59 -1.54 16.59
CA HIS A 456 -6.39 -0.57 15.83
C HIS A 456 -7.86 -0.91 15.74
N VAL A 457 -8.50 -1.13 16.89
CA VAL A 457 -9.93 -1.46 16.93
C VAL A 457 -10.76 -0.25 16.51
N GLU A 458 -11.43 -0.36 15.38
CA GLU A 458 -12.21 0.74 14.79
C GLU A 458 -13.26 1.35 15.73
N ASP A 459 -14.05 0.52 16.39
CA ASP A 459 -15.05 1.03 17.35
C ASP A 459 -14.45 1.89 18.48
N GLN A 460 -13.33 1.44 19.05
CA GLN A 460 -12.59 2.19 20.08
C GLN A 460 -12.06 3.51 19.56
N ILE A 461 -11.49 3.47 18.36
CA ILE A 461 -10.92 4.66 17.74
C ILE A 461 -11.98 5.73 17.51
N LYS A 462 -13.09 5.37 16.86
CA LYS A 462 -14.13 6.34 16.57
C LYS A 462 -14.73 6.93 17.85
N GLN A 463 -14.84 6.09 18.87
CA GLN A 463 -15.37 6.51 20.18
C GLN A 463 -14.41 7.49 20.85
N ALA A 464 -13.11 7.23 20.73
CA ALA A 464 -12.10 8.12 21.31
C ALA A 464 -12.11 9.50 20.65
N TYR A 465 -11.98 9.54 19.32
CA TYR A 465 -12.02 10.83 18.61
C TYR A 465 -13.34 11.58 18.89
N ALA A 466 -14.47 10.87 18.79
CA ALA A 466 -15.79 11.46 19.10
C ALA A 466 -15.78 12.11 20.47
N ALA A 467 -15.32 11.35 21.48
CA ALA A 467 -15.25 11.84 22.86
C ALA A 467 -14.36 13.08 23.00
N LYS A 468 -13.25 13.10 22.27
CA LYS A 468 -12.32 14.21 22.36
C LYS A 468 -12.82 15.48 21.67
N ILE A 469 -13.45 15.32 20.51
CA ILE A 469 -14.08 16.44 19.82
C ILE A 469 -15.12 17.05 20.75
N CYS A 470 -16.03 16.20 21.25
CA CYS A 470 -17.11 16.64 22.14
C CYS A 470 -16.56 17.36 23.39
N GLN A 471 -15.51 16.81 23.99
CA GLN A 471 -14.85 17.43 25.15
C GLN A 471 -14.28 18.83 24.88
N LEU A 472 -13.75 19.05 23.69
CA LEU A 472 -13.14 20.35 23.34
C LEU A 472 -14.19 21.44 23.37
N TYR A 473 -15.36 21.13 22.81
CA TYR A 473 -16.44 22.08 22.77
C TYR A 473 -17.16 22.21 24.11
N GLN A 474 -17.43 21.07 24.73
CA GLN A 474 -18.23 21.01 25.96
C GLN A 474 -17.48 21.60 27.15
N GLU A 475 -16.15 21.46 27.18
CA GLU A 475 -15.32 22.10 28.21
C GLU A 475 -14.81 23.48 27.77
N ASN A 476 -15.34 24.01 26.67
CA ASN A 476 -15.03 25.36 26.21
C ASN A 476 -13.54 25.63 26.01
N ARG A 477 -12.83 24.69 25.38
CA ARG A 477 -11.38 24.77 25.31
C ARG A 477 -10.85 25.52 24.07
N LEU A 478 -11.75 25.88 23.15
CA LEU A 478 -11.35 26.36 21.83
C LEU A 478 -10.48 27.64 21.82
N GLU A 479 -10.88 28.67 22.55
CA GLU A 479 -10.09 29.90 22.64
C GLU A 479 -8.68 29.65 23.15
N ALA A 480 -8.57 28.99 24.30
CA ALA A 480 -7.26 28.71 24.90
C ALA A 480 -6.37 27.84 23.99
N MET A 481 -6.97 26.82 23.36
CA MET A 481 -6.23 25.91 22.47
C MET A 481 -5.72 26.57 21.20
N ARG A 482 -6.59 27.32 20.53
CA ARG A 482 -6.15 28.15 19.40
C ARG A 482 -4.95 29.03 19.78
N ALA A 483 -5.05 29.71 20.92
CA ALA A 483 -4.00 30.62 21.35
C ALA A 483 -2.69 29.89 21.56
N TYR A 484 -2.80 28.69 22.11
CA TYR A 484 -1.65 27.84 22.32
C TYR A 484 -1.04 27.31 20.99
N SER A 485 -1.89 27.03 20.00
CA SER A 485 -1.41 26.63 18.66
C SER A 485 -0.52 27.71 18.03
N TYR A 486 -1.04 28.94 18.00
CA TYR A 486 -0.25 30.12 17.57
C TYR A 486 1.07 30.22 18.34
N GLN A 487 1.02 29.97 19.65
CA GLN A 487 2.22 29.98 20.46
C GLN A 487 3.24 28.93 20.00
N ILE A 488 2.79 27.68 19.82
CA ILE A 488 3.69 26.65 19.29
C ILE A 488 4.23 27.06 17.92
N ALA A 489 3.35 27.62 17.09
CA ALA A 489 3.67 27.97 15.71
C ALA A 489 4.82 28.98 15.61
N GLU A 490 4.95 29.84 16.60
CA GLU A 490 6.03 30.84 16.61
C GLU A 490 7.39 30.16 16.61
N GLY A 491 7.42 28.91 17.05
CA GLY A 491 8.63 28.11 17.00
C GLY A 491 8.95 27.57 15.61
N PHE A 492 8.08 27.81 14.64
CA PHE A 492 8.26 27.25 13.29
C PHE A 492 8.22 28.32 12.20
N LEU A 493 8.61 29.54 12.57
CA LEU A 493 8.53 30.66 11.63
C LEU A 493 9.70 30.66 10.65
N THR A 494 9.45 31.15 9.44
CA THR A 494 10.46 31.23 8.37
C THR A 494 11.77 31.90 8.80
N LYS A 495 11.67 33.01 9.54
CA LYS A 495 12.88 33.70 10.02
C LYS A 495 13.90 32.75 10.66
N GLU A 496 13.45 31.90 11.59
CA GLU A 496 14.32 30.88 12.18
C GLU A 496 14.91 29.91 11.14
N ILE A 497 14.07 29.43 10.23
CA ILE A 497 14.50 28.39 9.28
C ILE A 497 15.59 28.85 8.30
N LEU A 498 15.50 30.11 7.88
CA LEU A 498 16.50 30.75 7.00
C LEU A 498 17.89 30.67 7.60
N GLU A 499 17.96 30.91 8.91
CA GLU A 499 19.23 30.84 9.63
C GLU A 499 19.76 29.42 9.70
N LYS A 500 18.86 28.44 9.80
CA LYS A 500 19.29 27.05 9.81
C LYS A 500 19.89 26.68 8.45
N TRP A 501 19.24 27.12 7.38
CA TRP A 501 19.71 26.84 6.02
C TRP A 501 20.98 27.60 5.73
N LYS A 502 20.95 28.91 5.97
CA LYS A 502 22.14 29.76 5.87
C LYS A 502 23.33 29.11 6.57
N LYS A 503 23.15 28.71 7.83
CA LYS A 503 24.21 28.05 8.60
C LYS A 503 24.74 26.79 7.90
N THR A 504 23.82 25.94 7.44
CA THR A 504 24.17 24.68 6.76
C THR A 504 24.87 24.97 5.44
N VAL A 505 24.36 25.96 4.71
CA VAL A 505 24.92 26.40 3.44
C VAL A 505 26.31 27.01 3.63
N GLU A 506 26.48 27.78 4.70
CA GLU A 506 27.77 28.39 5.01
C GLU A 506 28.81 27.35 5.39
N GLU A 507 28.35 26.21 5.91
CA GLU A 507 29.24 25.12 6.31
C GLU A 507 29.64 24.20 5.16
N VAL A 508 28.81 24.12 4.13
CA VAL A 508 29.17 23.34 2.94
C VAL A 508 30.09 24.16 2.02
N LEU A 509 29.73 25.42 1.80
CA LEU A 509 30.66 26.44 1.33
C LEU A 509 31.74 26.55 2.41
N HIS A 510 32.97 26.92 2.03
CA HIS A 510 34.14 26.79 2.91
C HIS A 510 34.36 25.33 3.22
N ASP A 511 34.66 24.99 4.48
CA ASP A 511 34.94 23.59 4.84
C ASP A 511 33.71 22.69 4.74
N MET B 9 8.58 -38.04 14.13
CA MET B 9 8.73 -36.78 13.36
C MET B 9 7.46 -35.95 13.31
N THR B 10 7.62 -34.63 13.46
CA THR B 10 6.55 -33.65 13.24
C THR B 10 7.01 -32.50 12.32
N ILE B 11 6.11 -32.05 11.45
CA ILE B 11 6.37 -30.86 10.67
C ILE B 11 5.60 -29.68 11.29
N TYR B 12 6.36 -28.67 11.71
CA TYR B 12 5.79 -27.45 12.28
C TYR B 12 5.76 -26.34 11.24
N ASN B 13 4.59 -25.75 11.06
CA ASN B 13 4.38 -24.72 10.06
C ASN B 13 4.03 -23.43 10.78
N ILE B 14 4.71 -22.34 10.44
CA ILE B 14 4.55 -21.10 11.19
C ILE B 14 4.09 -19.97 10.28
N ASN B 15 2.97 -19.34 10.67
CA ASN B 15 2.39 -18.21 9.96
C ASN B 15 1.97 -17.18 11.03
N LEU B 16 1.72 -15.94 10.63
CA LEU B 16 1.25 -14.92 11.58
C LEU B 16 -0.23 -15.09 11.93
N GLY B 17 -1.10 -14.98 10.94
CA GLY B 17 -2.55 -15.08 11.20
C GLY B 17 -3.32 -15.78 10.10
N ILE B 18 -4.64 -15.61 10.21
CA ILE B 18 -5.63 -16.24 9.36
C ILE B 18 -6.90 -15.41 9.60
N GLY B 19 -7.73 -15.26 8.57
CA GLY B 19 -9.05 -14.59 8.72
C GLY B 19 -10.12 -15.36 7.98
N TRP B 20 -11.32 -14.77 7.88
CA TRP B 20 -12.41 -15.35 7.10
C TRP B 20 -12.14 -15.37 5.61
N ALA B 21 -11.41 -14.36 5.14
CA ALA B 21 -11.13 -14.21 3.72
C ALA B 21 -9.65 -14.00 3.56
N SER B 22 -8.89 -15.06 3.81
CA SER B 22 -7.43 -14.98 3.88
C SER B 22 -6.82 -15.02 2.49
N SER B 23 -5.51 -14.79 2.45
CA SER B 23 -4.75 -14.77 1.20
C SER B 23 -4.30 -16.17 0.82
N GLY B 24 -3.71 -16.30 -0.38
CA GLY B 24 -3.13 -17.56 -0.80
C GLY B 24 -2.07 -18.13 0.11
N VAL B 25 -1.42 -17.29 0.92
CA VAL B 25 -0.44 -17.81 1.87
C VAL B 25 -1.13 -18.80 2.84
N GLU B 26 -2.30 -18.40 3.34
CA GLU B 26 -3.04 -19.24 4.30
C GLU B 26 -3.62 -20.47 3.60
N TYR B 27 -4.14 -20.27 2.40
CA TYR B 27 -4.68 -21.37 1.59
C TYR B 27 -3.58 -22.37 1.22
N ALA B 28 -2.38 -21.86 0.96
CA ALA B 28 -1.23 -22.71 0.64
C ALA B 28 -0.93 -23.61 1.83
N GLN B 29 -1.04 -23.04 3.02
CA GLN B 29 -0.89 -23.80 4.23
C GLN B 29 -1.94 -24.91 4.34
N ALA B 30 -3.18 -24.60 3.97
CA ALA B 30 -4.28 -25.57 4.04
C ALA B 30 -4.08 -26.69 3.00
N TYR B 31 -3.61 -26.30 1.81
CA TYR B 31 -3.20 -27.29 0.80
C TYR B 31 -2.09 -28.19 1.35
N ARG B 32 -1.10 -27.57 1.99
CA ARG B 32 -0.02 -28.35 2.58
C ARG B 32 -0.51 -29.31 3.68
N ALA B 33 -1.52 -28.90 4.45
CA ALA B 33 -2.10 -29.75 5.49
C ALA B 33 -2.74 -31.01 4.87
N GLY B 34 -3.40 -30.83 3.73
CA GLY B 34 -4.03 -31.91 2.97
C GLY B 34 -3.01 -32.94 2.53
N VAL B 35 -1.89 -32.46 1.99
CA VAL B 35 -0.75 -33.28 1.61
C VAL B 35 -0.22 -34.09 2.79
N PHE B 36 -0.01 -33.43 3.93
CA PHE B 36 0.58 -34.10 5.09
C PHE B 36 -0.32 -35.19 5.66
N ARG B 37 -1.64 -34.95 5.58
CA ARG B 37 -2.62 -35.95 5.99
C ARG B 37 -2.52 -37.18 5.09
N LYS B 38 -2.49 -36.94 3.79
CA LYS B 38 -2.43 -38.04 2.83
C LYS B 38 -1.15 -38.86 2.97
N LEU B 39 -0.03 -38.19 3.24
CA LEU B 39 1.24 -38.87 3.50
C LEU B 39 1.34 -39.41 4.92
N ASN B 40 0.26 -39.25 5.68
CA ASN B 40 0.21 -39.65 7.09
C ASN B 40 1.38 -39.12 7.93
N LEU B 41 1.77 -37.87 7.67
CA LEU B 41 2.81 -37.19 8.44
C LEU B 41 2.16 -36.28 9.47
N SER B 42 2.69 -36.31 10.69
CA SER B 42 2.21 -35.46 11.77
C SER B 42 2.64 -34.00 11.50
N SER B 43 1.66 -33.09 11.54
CA SER B 43 1.96 -31.66 11.32
C SER B 43 1.20 -30.74 12.27
N LYS B 44 1.80 -29.58 12.54
CA LYS B 44 1.18 -28.54 13.33
C LYS B 44 1.22 -27.25 12.54
N PHE B 45 0.11 -26.51 12.60
CA PHE B 45 0.08 -25.18 12.00
C PHE B 45 -0.10 -24.12 13.07
N ILE B 46 1.00 -23.38 13.27
CA ILE B 46 1.16 -22.40 14.35
C ILE B 46 0.83 -20.99 13.83
N PHE B 47 0.03 -20.28 14.61
CA PHE B 47 -0.31 -18.89 14.32
C PHE B 47 0.13 -18.04 15.52
N THR B 48 0.78 -16.92 15.24
CA THR B 48 1.38 -16.14 16.32
C THR B 48 0.67 -14.80 16.60
N ASP B 49 -0.12 -14.32 15.65
CA ASP B 49 -0.89 -13.09 15.89
C ASP B 49 -1.92 -13.25 17.01
N MET B 50 -2.21 -12.13 17.67
CA MET B 50 -3.36 -12.04 18.56
C MET B 50 -4.62 -11.98 17.71
N ILE B 51 -5.43 -13.02 17.79
CA ILE B 51 -6.68 -13.12 17.03
C ILE B 51 -7.78 -13.25 18.07
N LEU B 52 -8.62 -12.22 18.17
CA LEU B 52 -9.70 -12.22 19.17
C LEU B 52 -11.06 -11.84 18.60
N ALA B 53 -11.09 -11.12 17.48
CA ALA B 53 -12.37 -10.77 16.85
C ALA B 53 -13.13 -12.02 16.41
N ASP B 54 -12.40 -13.13 16.27
CA ASP B 54 -12.99 -14.44 16.02
C ASP B 54 -12.28 -15.46 16.88
N ASN B 55 -12.99 -16.56 17.15
CA ASN B 55 -12.41 -17.75 17.73
C ASN B 55 -11.56 -18.33 16.62
N ILE B 56 -10.26 -18.48 16.86
CA ILE B 56 -9.37 -18.91 15.78
C ILE B 56 -9.81 -20.27 15.14
N GLN B 57 -10.37 -21.17 15.97
CA GLN B 57 -10.88 -22.45 15.49
C GLN B 57 -11.87 -22.30 14.37
N HIS B 58 -12.73 -21.29 14.44
CA HIS B 58 -13.71 -21.07 13.37
C HIS B 58 -13.04 -20.80 12.06
N LEU B 59 -11.93 -20.06 12.13
CA LEU B 59 -11.17 -19.64 10.96
C LEU B 59 -10.37 -20.83 10.41
N THR B 60 -9.75 -21.60 11.29
CA THR B 60 -8.98 -22.76 10.83
C THR B 60 -9.88 -23.87 10.28
N ALA B 61 -11.04 -24.05 10.90
CA ALA B 61 -12.01 -25.05 10.46
C ALA B 61 -12.56 -24.67 9.11
N ASN B 62 -12.78 -23.37 8.91
CA ASN B 62 -13.32 -22.86 7.66
C ASN B 62 -12.41 -23.17 6.48
N ILE B 63 -11.11 -22.97 6.67
CA ILE B 63 -10.15 -23.14 5.58
C ILE B 63 -9.78 -24.63 5.47
N GLY B 64 -10.06 -25.40 6.51
CA GLY B 64 -9.96 -26.84 6.42
C GLY B 64 -8.93 -27.56 7.25
N PHE B 65 -8.29 -26.89 8.22
CA PHE B 65 -7.36 -27.59 9.11
C PHE B 65 -8.16 -28.46 10.08
N ASP B 66 -7.59 -29.58 10.50
CA ASP B 66 -8.15 -30.31 11.64
C ASP B 66 -7.83 -29.58 12.94
N ASP B 67 -8.78 -29.59 13.88
CA ASP B 67 -8.56 -28.99 15.19
C ASP B 67 -7.26 -29.43 15.84
N ASN B 68 -6.92 -30.72 15.72
CA ASN B 68 -5.72 -31.26 16.42
C ASN B 68 -4.38 -30.85 15.80
N GLN B 69 -4.48 -30.10 14.70
CA GLN B 69 -3.35 -29.66 13.90
C GLN B 69 -2.98 -28.19 14.18
N VAL B 70 -3.85 -27.50 14.88
CA VAL B 70 -3.77 -26.04 15.08
C VAL B 70 -3.07 -25.72 16.40
N ILE B 71 -2.11 -24.82 16.36
CA ILE B 71 -1.51 -24.27 17.56
C ILE B 71 -1.61 -22.76 17.46
N TRP B 72 -2.23 -22.15 18.47
CA TRP B 72 -2.25 -20.69 18.58
C TRP B 72 -1.36 -20.31 19.71
N LEU B 73 -0.36 -19.47 19.43
CA LEU B 73 0.66 -19.06 20.42
C LEU B 73 0.13 -18.82 21.83
N TYR B 74 -0.94 -18.03 21.94
CA TYR B 74 -1.41 -17.51 23.22
C TYR B 74 -2.18 -18.57 23.98
N ASN B 75 -2.79 -19.47 23.22
CA ASN B 75 -3.45 -20.64 23.75
C ASN B 75 -2.48 -21.69 24.30
N HIS B 76 -1.31 -21.82 23.65
CA HIS B 76 -0.41 -22.96 23.87
C HIS B 76 0.04 -23.14 25.30
N PHE B 77 0.19 -22.05 26.05
CA PHE B 77 0.60 -22.15 27.44
C PHE B 77 -0.53 -22.39 28.44
N THR B 78 -1.73 -22.59 27.94
CA THR B 78 -2.85 -22.90 28.82
C THR B 78 -3.28 -24.33 28.52
N ASP B 79 -4.19 -24.87 29.34
CA ASP B 79 -4.75 -26.19 29.05
C ASP B 79 -6.10 -26.12 28.33
N ILE B 80 -6.45 -24.95 27.80
CA ILE B 80 -7.68 -24.85 26.99
C ILE B 80 -7.39 -25.34 25.56
N LYS B 81 -8.25 -26.22 25.06
CA LYS B 81 -8.07 -26.77 23.72
C LYS B 81 -8.66 -25.85 22.66
N ILE B 82 -8.02 -25.86 21.47
CA ILE B 82 -8.57 -25.23 20.28
C ILE B 82 -9.92 -25.89 20.00
N ALA B 83 -11.00 -25.12 19.96
CA ALA B 83 -12.34 -25.69 19.85
C ALA B 83 -13.36 -24.67 19.41
N PRO B 84 -14.49 -25.12 18.82
CA PRO B 84 -15.55 -24.18 18.42
C PRO B 84 -16.17 -23.45 19.62
N THR B 85 -16.78 -22.30 19.38
CA THR B 85 -17.52 -21.65 20.44
C THR B 85 -18.81 -22.44 20.75
N SER B 86 -18.98 -22.89 21.99
CA SER B 86 -20.21 -23.60 22.40
C SER B 86 -20.90 -22.96 23.59
N VAL B 87 -20.33 -21.86 24.08
CA VAL B 87 -20.88 -21.10 25.19
C VAL B 87 -22.17 -20.36 24.77
N THR B 88 -23.21 -20.40 25.62
CA THR B 88 -24.50 -19.73 25.34
C THR B 88 -24.62 -18.35 25.99
N VAL B 89 -25.64 -17.58 25.62
CA VAL B 89 -25.95 -16.34 26.31
C VAL B 89 -26.08 -16.57 27.83
N ASP B 90 -26.79 -17.63 28.22
CA ASP B 90 -26.89 -18.02 29.63
C ASP B 90 -25.53 -18.25 30.27
N ASP B 91 -24.66 -18.99 29.59
CA ASP B 91 -23.32 -19.25 30.11
C ASP B 91 -22.55 -17.96 30.34
N VAL B 92 -22.68 -17.03 29.40
CA VAL B 92 -21.97 -15.75 29.47
C VAL B 92 -22.45 -14.94 30.67
N LEU B 93 -23.77 -14.85 30.83
CA LEU B 93 -24.38 -14.06 31.89
C LEU B 93 -23.93 -14.52 33.29
N ALA B 94 -23.44 -15.76 33.38
CA ALA B 94 -22.88 -16.30 34.63
C ALA B 94 -21.56 -15.63 35.02
N TYR B 95 -20.81 -15.15 34.04
CA TYR B 95 -19.59 -14.38 34.31
C TYR B 95 -19.87 -12.94 34.79
N PHE B 96 -21.14 -12.56 34.86
CA PHE B 96 -21.49 -11.21 35.31
C PHE B 96 -22.45 -11.26 36.49
N GLY B 97 -22.36 -10.27 37.38
CA GLY B 97 -23.25 -10.16 38.53
C GLY B 97 -24.68 -9.97 38.06
N GLY B 98 -25.47 -11.05 38.13
CA GLY B 98 -26.78 -11.17 37.45
C GLY B 98 -27.81 -10.09 37.67
N GLU B 99 -29.07 -10.41 37.34
CA GLU B 99 -30.22 -9.49 37.45
C GLU B 99 -30.61 -8.85 36.12
N GLU B 100 -30.70 -9.68 35.07
CA GLU B 100 -31.13 -9.21 33.75
C GLU B 100 -32.51 -8.55 33.88
N SER B 101 -32.66 -7.35 33.34
CA SER B 101 -33.96 -6.72 33.24
C SER B 101 -34.58 -7.11 31.89
N HIS B 102 -33.91 -6.73 30.81
CA HIS B 102 -34.34 -7.08 29.45
C HIS B 102 -33.17 -7.14 28.50
N ARG B 103 -33.45 -7.55 27.26
CA ARG B 103 -32.40 -7.70 26.25
C ARG B 103 -32.85 -7.15 24.90
N GLU B 104 -31.91 -6.61 24.14
CA GLU B 104 -32.20 -6.07 22.82
C GLU B 104 -31.33 -6.73 21.76
N LYS B 105 -31.99 -7.23 20.72
CA LYS B 105 -31.32 -7.94 19.64
C LYS B 105 -31.30 -7.08 18.38
N ASN B 106 -30.15 -7.08 17.71
CA ASN B 106 -29.99 -6.44 16.42
C ASN B 106 -28.98 -7.27 15.64
N GLY B 107 -29.48 -8.30 14.97
CA GLY B 107 -28.62 -9.21 14.19
C GLY B 107 -27.78 -10.13 15.06
N LYS B 108 -26.45 -9.98 14.97
CA LYS B 108 -25.52 -10.79 15.78
C LYS B 108 -25.18 -10.12 17.12
N VAL B 109 -25.70 -8.93 17.33
CA VAL B 109 -25.40 -8.14 18.52
C VAL B 109 -26.55 -8.22 19.51
N LEU B 110 -26.32 -8.86 20.65
CA LEU B 110 -27.32 -8.94 21.70
C LEU B 110 -26.88 -8.18 22.94
N ARG B 111 -27.55 -7.08 23.22
CA ARG B 111 -27.22 -6.27 24.40
C ARG B 111 -28.17 -6.60 25.55
N VAL B 112 -27.58 -6.95 26.69
CA VAL B 112 -28.32 -7.30 27.89
C VAL B 112 -28.19 -6.19 28.94
N PHE B 113 -29.33 -5.73 29.45
CA PHE B 113 -29.41 -4.71 30.51
C PHE B 113 -29.77 -5.34 31.84
N PHE B 114 -29.53 -4.61 32.93
CA PHE B 114 -29.69 -5.14 34.29
C PHE B 114 -30.46 -4.19 35.19
N PHE B 115 -31.15 -4.73 36.18
CA PHE B 115 -31.89 -3.88 37.12
C PHE B 115 -30.96 -2.96 37.91
N ASP B 116 -29.80 -3.48 38.30
CA ASP B 116 -28.81 -2.72 39.06
C ASP B 116 -27.75 -2.03 38.16
N GLN B 117 -28.22 -1.36 37.12
CA GLN B 117 -27.37 -0.61 36.20
C GLN B 117 -26.69 0.60 36.87
N ASP B 118 -26.08 1.51 36.11
CA ASP B 118 -25.89 1.35 34.68
C ASP B 118 -24.66 0.49 34.43
N LYS B 119 -24.96 -0.71 33.94
CA LYS B 119 -24.00 -1.59 33.35
C LYS B 119 -24.78 -2.41 32.33
N PHE B 120 -24.14 -2.78 31.24
CA PHE B 120 -24.72 -3.74 30.31
C PHE B 120 -23.63 -4.58 29.70
N VAL B 121 -24.05 -5.73 29.18
CA VAL B 121 -23.17 -6.68 28.52
C VAL B 121 -23.67 -6.77 27.07
N THR B 122 -22.78 -6.48 26.12
CA THR B 122 -23.08 -6.74 24.73
C THR B 122 -22.47 -8.08 24.32
N CYS B 123 -23.33 -9.01 23.91
CA CYS B 123 -22.90 -10.32 23.41
C CYS B 123 -22.79 -10.30 21.87
N TYR B 124 -21.67 -10.79 21.36
CA TYR B 124 -21.47 -10.91 19.92
C TYR B 124 -21.64 -12.36 19.53
N LEU B 125 -22.73 -12.63 18.79
CA LEU B 125 -23.17 -14.00 18.53
C LEU B 125 -22.46 -14.61 17.33
N VAL B 126 -22.16 -15.90 17.41
CA VAL B 126 -21.57 -16.64 16.28
C VAL B 126 -22.53 -16.61 15.10
N ASP B 127 -23.82 -16.75 15.41
CA ASP B 127 -24.88 -16.85 14.42
C ASP B 127 -26.10 -16.13 15.00
N GLU B 128 -26.65 -15.20 14.22
CA GLU B 128 -27.83 -14.44 14.63
C GLU B 128 -29.03 -15.31 14.98
N ASN B 129 -29.00 -16.57 14.56
CA ASN B 129 -30.12 -17.48 14.79
C ASN B 129 -29.85 -18.52 15.85
N LYS B 130 -28.67 -18.45 16.46
CA LYS B 130 -28.31 -19.35 17.54
C LYS B 130 -27.96 -18.51 18.75
N ASP B 131 -27.83 -19.14 19.91
CA ASP B 131 -27.49 -18.40 21.11
C ASP B 131 -26.02 -18.58 21.56
N LEU B 132 -25.14 -18.96 20.62
CA LEU B 132 -23.71 -19.10 20.94
C LEU B 132 -23.00 -17.74 20.97
N VAL B 133 -22.19 -17.52 22.00
CA VAL B 133 -21.49 -16.22 22.15
C VAL B 133 -19.96 -16.33 22.02
N GLN B 134 -19.43 -15.67 20.99
CA GLN B 134 -17.98 -15.65 20.69
C GLN B 134 -17.24 -14.74 21.65
N HIS B 135 -17.84 -13.58 21.93
CA HIS B 135 -17.28 -12.63 22.89
C HIS B 135 -18.31 -11.66 23.40
N ALA B 136 -18.01 -11.06 24.55
CA ALA B 136 -18.90 -10.15 25.25
C ALA B 136 -18.11 -8.92 25.73
N GLU B 137 -18.75 -7.77 25.65
CA GLU B 137 -18.15 -6.50 26.03
C GLU B 137 -18.94 -5.96 27.22
N TYR B 138 -18.21 -5.49 28.22
CA TYR B 138 -18.82 -5.09 29.49
C TYR B 138 -18.64 -3.61 29.71
N VAL B 139 -19.77 -2.91 29.82
CA VAL B 139 -19.76 -1.46 29.98
C VAL B 139 -20.33 -1.17 31.36
N PHE B 140 -19.59 -0.37 32.13
CA PHE B 140 -19.94 -0.09 33.50
C PHE B 140 -20.03 1.42 33.64
N LYS B 141 -21.24 1.90 33.91
CA LYS B 141 -21.52 3.34 34.05
C LYS B 141 -21.03 4.15 32.85
N GLY B 142 -21.27 3.62 31.65
CA GLY B 142 -20.87 4.31 30.42
C GLY B 142 -19.46 4.03 29.89
N ASN B 143 -18.68 3.27 30.65
CA ASN B 143 -17.31 2.98 30.23
C ASN B 143 -17.06 1.50 29.97
N LEU B 144 -16.44 1.21 28.83
CA LEU B 144 -16.01 -0.16 28.54
C LEU B 144 -14.95 -0.52 29.58
N ILE B 145 -15.15 -1.60 30.33
CA ILE B 145 -14.14 -2.00 31.32
C ILE B 145 -13.57 -3.41 31.12
N ARG B 146 -14.24 -4.25 30.33
CA ARG B 146 -13.77 -5.61 30.08
C ARG B 146 -14.39 -6.20 28.82
N LYS B 147 -13.62 -7.05 28.12
CA LYS B 147 -14.14 -7.93 27.08
C LYS B 147 -13.69 -9.34 27.37
N ASP B 148 -14.60 -10.30 27.28
CA ASP B 148 -14.32 -11.72 27.52
C ASP B 148 -14.51 -12.49 26.21
N TYR B 149 -13.70 -13.52 26.00
CA TYR B 149 -13.71 -14.30 24.78
C TYR B 149 -13.92 -15.75 25.12
N PHE B 150 -14.77 -16.43 24.33
CA PHE B 150 -15.26 -17.76 24.69
C PHE B 150 -15.13 -18.77 23.56
N SER B 151 -14.71 -19.99 23.92
CA SER B 151 -14.85 -21.17 23.06
C SER B 151 -15.89 -22.04 23.76
N TYR B 152 -15.46 -23.09 24.46
CA TYR B 152 -16.37 -23.87 25.34
C TYR B 152 -16.28 -23.34 26.76
N THR B 153 -15.36 -22.41 26.98
CA THR B 153 -15.24 -21.69 28.25
C THR B 153 -14.60 -20.33 27.96
N ARG B 154 -14.55 -19.46 28.95
CA ARG B 154 -13.83 -18.20 28.79
C ARG B 154 -12.33 -18.50 28.70
N TYR B 155 -11.69 -18.04 27.63
CA TYR B 155 -10.25 -18.28 27.49
C TYR B 155 -9.40 -17.01 27.63
N CYS B 156 -10.03 -15.85 27.46
CA CYS B 156 -9.32 -14.56 27.54
C CYS B 156 -10.25 -13.46 28.00
N SER B 157 -9.69 -12.53 28.77
CA SER B 157 -10.30 -11.26 29.11
C SER B 157 -9.34 -10.12 28.79
N GLU B 158 -9.90 -9.05 28.24
CA GLU B 158 -9.20 -7.80 28.03
C GLU B 158 -9.71 -6.76 29.03
N TYR B 159 -8.79 -6.07 29.70
CA TYR B 159 -9.18 -5.08 30.71
C TYR B 159 -8.94 -3.67 30.19
N PHE B 160 -9.97 -2.84 30.32
CA PHE B 160 -9.94 -1.47 29.85
C PHE B 160 -10.19 -0.53 31.03
N ALA B 161 -9.59 0.65 30.96
CA ALA B 161 -9.90 1.72 31.90
C ALA B 161 -9.78 3.04 31.16
N PRO B 162 -10.65 4.01 31.48
CA PRO B 162 -10.57 5.27 30.76
C PRO B 162 -9.37 6.09 31.20
N LYS B 163 -8.68 6.62 30.21
CA LYS B 163 -7.60 7.56 30.44
C LYS B 163 -8.00 8.81 29.67
N ASP B 164 -8.25 9.89 30.41
CA ASP B 164 -8.71 11.15 29.83
C ASP B 164 -9.83 10.94 28.80
N ASN B 165 -10.87 10.22 29.20
CA ASN B 165 -12.04 9.95 28.35
C ASN B 165 -11.83 8.97 27.19
N VAL B 166 -10.72 8.24 27.19
CA VAL B 166 -10.47 7.24 26.16
C VAL B 166 -10.32 5.89 26.84
N ALA B 167 -11.05 4.89 26.35
CA ALA B 167 -10.90 3.52 26.84
C ALA B 167 -9.56 2.99 26.40
N VAL B 168 -8.74 2.59 27.37
CA VAL B 168 -7.42 2.13 27.02
C VAL B 168 -7.22 0.69 27.52
N LEU B 169 -6.81 -0.20 26.63
CA LEU B 169 -6.51 -1.58 27.02
C LEU B 169 -5.22 -1.60 27.85
N TYR B 170 -5.28 -2.07 29.10
CA TYR B 170 -4.06 -2.12 29.90
C TYR B 170 -3.55 -3.54 30.15
N GLN B 171 -4.44 -4.53 30.00
CA GLN B 171 -4.10 -5.90 30.35
C GLN B 171 -4.93 -6.93 29.59
N ARG B 172 -4.26 -7.97 29.12
CA ARG B 172 -4.91 -9.17 28.60
C ARG B 172 -4.55 -10.32 29.50
N THR B 173 -5.56 -11.11 29.86
CA THR B 173 -5.38 -12.28 30.70
C THR B 173 -5.90 -13.52 29.99
N PHE B 174 -5.10 -14.59 30.07
CA PHE B 174 -5.48 -15.89 29.55
C PHE B 174 -5.70 -16.92 30.66
N TYR B 175 -6.72 -17.75 30.47
CA TYR B 175 -7.17 -18.69 31.49
C TYR B 175 -6.95 -20.16 31.16
N ASN B 176 -7.00 -20.97 32.23
CA ASN B 176 -7.12 -22.41 32.12
C ASN B 176 -8.58 -22.84 32.14
N GLU B 177 -8.81 -24.12 31.86
CA GLU B 177 -10.17 -24.71 31.83
C GLU B 177 -10.97 -24.51 33.11
N ASP B 178 -10.30 -24.58 34.26
CA ASP B 178 -11.00 -24.40 35.54
C ASP B 178 -11.23 -22.92 35.86
N GLY B 179 -10.74 -22.03 34.99
CA GLY B 179 -11.00 -20.61 35.18
C GLY B 179 -9.91 -19.84 35.89
N THR B 180 -8.83 -20.51 36.30
CA THR B 180 -7.71 -19.79 36.91
C THR B 180 -6.90 -19.08 35.82
N PRO B 181 -6.51 -17.82 36.06
CA PRO B 181 -5.65 -17.08 35.13
C PRO B 181 -4.26 -17.68 35.11
N VAL B 182 -3.70 -17.87 33.92
CA VAL B 182 -2.38 -18.51 33.77
C VAL B 182 -1.34 -17.42 33.56
N TYR B 183 -1.69 -16.44 32.75
CA TYR B 183 -0.80 -15.32 32.56
C TYR B 183 -1.51 -14.04 32.19
N ASP B 184 -0.86 -12.93 32.54
CA ASP B 184 -1.32 -11.63 32.13
C ASP B 184 -0.31 -11.02 31.18
N ILE B 185 -0.81 -10.27 30.20
CA ILE B 185 0.03 -9.48 29.32
C ILE B 185 -0.27 -8.03 29.62
N LEU B 186 0.75 -7.29 30.05
CA LEU B 186 0.57 -5.88 30.35
C LEU B 186 0.90 -5.05 29.12
N MET B 187 -0.04 -4.19 28.75
CA MET B 187 0.02 -3.52 27.45
C MET B 187 0.58 -2.13 27.61
N ASN B 188 1.90 -2.04 27.40
CA ASN B 188 2.71 -0.82 27.57
C ASN B 188 2.39 0.25 26.52
N GLN B 189 1.19 0.84 26.65
CA GLN B 189 0.67 1.83 25.71
C GLN B 189 0.77 1.38 24.24
N GLY B 190 -0.06 0.41 23.86
CA GLY B 190 -0.18 -0.01 22.46
C GLY B 190 0.35 -1.39 22.11
N LYS B 191 1.58 -1.67 22.55
CA LYS B 191 2.24 -2.95 22.22
C LYS B 191 2.32 -3.91 23.41
N GLU B 192 2.72 -5.15 23.11
CA GLU B 192 2.55 -6.33 23.95
C GLU B 192 3.72 -6.62 24.89
N GLU B 193 4.09 -5.66 25.72
CA GLU B 193 5.37 -5.72 26.42
C GLU B 193 5.61 -6.95 27.31
N VAL B 194 4.92 -7.06 28.43
CA VAL B 194 5.38 -7.98 29.48
C VAL B 194 4.40 -9.08 29.85
N TYR B 195 4.87 -10.32 29.85
CA TYR B 195 4.06 -11.50 30.10
C TYR B 195 4.38 -12.01 31.49
N HIS B 196 3.39 -11.97 32.38
CA HIS B 196 3.57 -12.42 33.75
C HIS B 196 2.83 -13.69 34.00
N PHE B 197 3.60 -14.75 34.23
CA PHE B 197 3.06 -16.01 34.74
C PHE B 197 3.25 -16.01 36.26
N LYS B 198 2.81 -17.07 36.92
CA LYS B 198 3.03 -17.18 38.36
C LYS B 198 4.51 -17.46 38.67
N ASP B 199 5.26 -17.94 37.68
CA ASP B 199 6.63 -18.42 37.91
C ASP B 199 7.65 -17.98 36.87
N LYS B 200 7.30 -17.00 36.05
CA LYS B 200 8.21 -16.49 35.06
C LYS B 200 7.67 -15.24 34.43
N ILE B 201 8.59 -14.47 33.88
CA ILE B 201 8.27 -13.22 33.23
C ILE B 201 9.01 -13.26 31.91
N PHE B 202 8.29 -12.95 30.84
CA PHE B 202 8.90 -12.71 29.55
C PHE B 202 8.75 -11.24 29.24
N TYR B 203 9.88 -10.59 28.97
CA TYR B 203 9.90 -9.20 28.63
C TYR B 203 9.96 -9.13 27.11
N GLY B 204 8.86 -8.72 26.49
CA GLY B 204 8.76 -8.61 25.04
C GLY B 204 8.17 -9.88 24.43
N LYS B 205 7.45 -9.71 23.32
CA LYS B 205 6.87 -10.83 22.56
C LYS B 205 7.93 -11.86 22.09
N GLN B 206 9.10 -11.37 21.68
CA GLN B 206 10.15 -12.24 21.18
C GLN B 206 10.57 -13.29 22.20
N ALA B 207 10.77 -12.85 23.45
CA ALA B 207 11.07 -13.73 24.56
C ALA B 207 9.95 -14.73 24.78
N PHE B 208 8.70 -14.28 24.66
CA PHE B 208 7.54 -15.16 24.78
C PHE B 208 7.55 -16.21 23.67
N VAL B 209 7.80 -15.76 22.45
CA VAL B 209 7.86 -16.63 21.28
C VAL B 209 9.02 -17.65 21.41
N ARG B 210 10.17 -17.19 21.93
CA ARG B 210 11.28 -18.12 22.23
C ARG B 210 10.87 -19.24 23.17
N ALA B 211 10.24 -18.89 24.28
CA ALA B 211 9.77 -19.87 25.25
C ALA B 211 8.79 -20.86 24.62
N PHE B 212 7.92 -20.34 23.75
CA PHE B 212 7.00 -21.20 23.00
C PHE B 212 7.77 -22.18 22.11
N MET B 213 8.79 -21.67 21.42
CA MET B 213 9.59 -22.51 20.52
C MET B 213 10.27 -23.62 21.31
N LYS B 214 10.85 -23.26 22.45
CA LYS B 214 11.52 -24.24 23.34
C LYS B 214 10.55 -25.27 23.91
N SER B 215 9.29 -24.88 24.11
CA SER B 215 8.30 -25.82 24.65
C SER B 215 7.99 -26.97 23.70
N LEU B 216 8.18 -26.75 22.40
CA LEU B 216 7.99 -27.80 21.37
C LEU B 216 9.02 -28.96 21.42
N ASN B 217 10.17 -28.76 22.08
CA ASN B 217 11.23 -29.79 22.20
C ASN B 217 11.70 -30.32 20.85
N LEU B 218 11.97 -29.39 19.95
CA LEU B 218 12.41 -29.70 18.61
C LEU B 218 13.67 -30.55 18.63
N ASN B 219 13.62 -31.66 17.89
CA ASN B 219 14.77 -32.56 17.78
C ASN B 219 15.18 -32.67 16.31
N LYS B 220 16.28 -33.38 16.06
CA LYS B 220 16.83 -33.45 14.71
C LYS B 220 15.90 -34.07 13.68
N SER B 221 14.92 -34.85 14.14
CA SER B 221 13.93 -35.43 13.23
C SER B 221 12.63 -34.62 13.14
N ASP B 222 12.71 -33.32 13.44
CA ASP B 222 11.57 -32.42 13.24
C ASP B 222 11.88 -31.44 12.11
N LEU B 223 10.84 -31.00 11.40
CA LEU B 223 10.98 -29.96 10.38
C LEU B 223 10.15 -28.70 10.66
N VAL B 224 10.82 -27.56 10.75
CA VAL B 224 10.13 -26.28 10.88
C VAL B 224 10.03 -25.62 9.52
N ILE B 225 8.80 -25.35 9.08
CA ILE B 225 8.54 -24.64 7.84
C ILE B 225 7.99 -23.23 8.11
N LEU B 226 8.73 -22.21 7.70
CA LEU B 226 8.36 -20.84 8.01
C LEU B 226 7.69 -20.17 6.81
N ASP B 227 6.43 -19.76 7.00
CA ASP B 227 5.65 -19.11 5.94
C ASP B 227 5.65 -17.58 5.98
N ARG B 228 5.27 -17.01 7.12
CA ARG B 228 5.27 -15.56 7.32
C ARG B 228 5.80 -15.33 8.72
N GLU B 229 6.60 -14.28 8.91
CA GLU B 229 7.47 -14.24 10.09
C GLU B 229 7.96 -12.86 10.58
N THR B 230 7.27 -11.80 10.17
CA THR B 230 7.57 -10.46 10.71
C THR B 230 7.67 -10.45 12.23
N GLY B 231 8.80 -9.98 12.75
CA GLY B 231 8.99 -9.84 14.20
C GLY B 231 9.53 -11.05 14.92
N ILE B 232 9.23 -12.24 14.41
CA ILE B 232 9.57 -13.50 15.07
C ILE B 232 10.72 -14.27 14.40
N GLY B 233 11.26 -13.71 13.32
CA GLY B 233 12.18 -14.44 12.44
C GLY B 233 13.43 -14.94 13.10
N GLN B 234 14.11 -14.04 13.81
CA GLN B 234 15.33 -14.40 14.49
C GLN B 234 15.11 -15.49 15.52
N VAL B 235 14.06 -15.36 16.32
CA VAL B 235 13.79 -16.32 17.38
C VAL B 235 13.52 -17.71 16.78
N VAL B 236 12.69 -17.74 15.75
CA VAL B 236 12.41 -18.98 15.01
C VAL B 236 13.72 -19.56 14.43
N PHE B 237 14.51 -18.73 13.76
CA PHE B 237 15.77 -19.19 13.16
C PHE B 237 16.70 -19.84 14.18
N GLU B 238 16.88 -19.20 15.33
CA GLU B 238 17.79 -19.69 16.36
C GLU B 238 17.28 -20.99 16.99
N GLU B 239 15.99 -21.06 17.27
CA GLU B 239 15.40 -22.21 17.96
C GLU B 239 15.18 -23.43 17.07
N ALA B 240 15.10 -23.21 15.77
CA ALA B 240 14.93 -24.31 14.81
C ALA B 240 16.26 -24.96 14.40
N GLN B 241 17.38 -24.36 14.82
CA GLN B 241 18.71 -24.89 14.51
C GLN B 241 18.90 -26.31 15.07
N THR B 242 18.22 -26.61 16.18
CA THR B 242 18.25 -27.96 16.76
C THR B 242 17.43 -28.97 15.95
N ALA B 243 16.68 -28.48 14.98
CA ALA B 243 15.94 -29.33 14.06
C ALA B 243 16.41 -29.03 12.64
N HIS B 244 15.46 -28.98 11.70
CA HIS B 244 15.69 -28.53 10.35
C HIS B 244 14.77 -27.38 10.02
N LEU B 245 15.21 -26.51 9.12
CA LEU B 245 14.49 -25.25 8.81
C LEU B 245 14.31 -25.00 7.32
N ALA B 246 13.05 -24.85 6.91
CA ALA B 246 12.70 -24.49 5.56
C ALA B 246 11.95 -23.16 5.56
N VAL B 247 12.22 -22.35 4.55
CA VAL B 247 11.54 -21.06 4.39
C VAL B 247 10.77 -21.15 3.08
N VAL B 248 9.46 -20.90 3.13
CA VAL B 248 8.66 -20.89 1.91
C VAL B 248 8.63 -19.49 1.39
N VAL B 249 8.95 -19.34 0.11
CA VAL B 249 8.90 -18.06 -0.57
C VAL B 249 7.59 -18.01 -1.36
N HIS B 250 6.74 -17.03 -1.06
CA HIS B 250 5.36 -17.03 -1.57
C HIS B 250 5.11 -16.16 -2.75
N ALA B 251 5.47 -14.89 -2.61
CA ALA B 251 5.26 -13.89 -3.65
C ALA B 251 6.58 -13.60 -4.42
N GLU B 252 6.56 -12.68 -5.37
CA GLU B 252 7.79 -12.16 -5.98
C GLU B 252 8.69 -11.68 -4.82
N HIS B 253 9.99 -11.97 -4.90
CA HIS B 253 10.86 -11.93 -3.71
C HIS B 253 11.83 -10.78 -3.68
N TYR B 254 11.73 -9.87 -4.66
CA TYR B 254 12.60 -8.70 -4.70
C TYR B 254 11.91 -7.60 -5.50
N SER B 255 12.41 -6.38 -5.39
CA SER B 255 11.86 -5.25 -6.12
C SER B 255 12.71 -4.89 -7.34
N GLU B 256 12.15 -5.14 -8.53
CA GLU B 256 12.85 -4.90 -9.78
C GLU B 256 13.22 -3.43 -10.03
N ASN B 257 12.34 -2.49 -9.67
CA ASN B 257 12.61 -1.08 -9.96
C ASN B 257 13.73 -0.44 -9.13
N ALA B 258 14.07 -1.08 -8.01
CA ALA B 258 15.07 -0.57 -7.07
C ALA B 258 16.37 -1.35 -7.16
N THR B 259 16.33 -2.48 -7.87
CA THR B 259 17.45 -3.40 -7.96
C THR B 259 18.26 -3.04 -9.20
N ASN B 260 19.58 -3.17 -9.09
CA ASN B 260 20.47 -3.03 -10.23
C ASN B 260 21.62 -4.03 -10.16
N GLU B 261 22.69 -3.76 -10.89
CA GLU B 261 23.84 -4.66 -10.94
C GLU B 261 24.55 -4.87 -9.61
N ASP B 262 24.60 -3.83 -8.78
CA ASP B 262 25.36 -3.86 -7.54
C ASP B 262 24.52 -3.99 -6.28
N TYR B 263 23.22 -3.70 -6.41
CA TYR B 263 22.33 -3.60 -5.25
C TYR B 263 21.02 -4.32 -5.51
N ILE B 264 20.56 -5.09 -4.53
CA ILE B 264 19.20 -5.69 -4.58
C ILE B 264 18.36 -5.26 -3.38
N LEU B 265 17.11 -4.89 -3.63
CA LEU B 265 16.12 -4.72 -2.56
C LEU B 265 15.22 -5.96 -2.52
N TRP B 266 15.31 -6.72 -1.45
CA TRP B 266 14.45 -7.89 -1.26
C TRP B 266 13.05 -7.47 -0.89
N ASN B 267 12.10 -8.37 -1.13
CA ASN B 267 10.76 -8.29 -0.55
C ASN B 267 10.94 -8.22 0.97
N ASN B 268 10.31 -7.22 1.60
CA ASN B 268 10.33 -7.09 3.07
C ASN B 268 10.05 -8.39 3.83
N TYR B 269 9.15 -9.22 3.28
CA TYR B 269 8.82 -10.49 3.90
C TYR B 269 9.98 -11.49 3.95
N TYR B 270 11.01 -11.24 3.14
CA TYR B 270 12.12 -12.19 2.95
C TYR B 270 13.52 -11.63 3.24
N ASP B 271 13.59 -10.32 3.48
CA ASP B 271 14.89 -9.69 3.75
C ASP B 271 15.68 -10.37 4.87
N TYR B 272 15.00 -10.68 5.98
CA TYR B 272 15.70 -11.32 7.09
C TYR B 272 16.19 -12.72 6.73
N GLN B 273 15.30 -13.51 6.16
CA GLN B 273 15.57 -14.91 5.85
C GLN B 273 16.68 -15.05 4.82
N PHE B 274 16.65 -14.16 3.81
CA PHE B 274 17.66 -14.16 2.75
C PHE B 274 19.03 -13.70 3.27
N THR B 275 19.03 -12.65 4.08
CA THR B 275 20.23 -12.16 4.77
C THR B 275 20.88 -13.27 5.57
N ASN B 276 20.07 -14.10 6.20
CA ASN B 276 20.56 -15.14 7.09
C ASN B 276 20.31 -16.52 6.55
N ALA B 277 20.40 -16.63 5.21
CA ALA B 277 20.15 -17.87 4.49
C ALA B 277 21.08 -18.99 4.90
N ASP B 278 22.22 -18.64 5.51
CA ASP B 278 23.15 -19.64 6.04
C ASP B 278 22.50 -20.57 7.09
N LYS B 279 21.50 -20.07 7.82
CA LYS B 279 20.79 -20.84 8.87
C LYS B 279 19.62 -21.68 8.35
N VAL B 280 19.35 -21.62 7.05
CA VAL B 280 18.18 -22.25 6.42
C VAL B 280 18.62 -23.50 5.66
N ASP B 281 17.96 -24.63 5.90
CA ASP B 281 18.30 -25.88 5.21
C ASP B 281 17.86 -25.87 3.76
N PHE B 282 16.64 -25.41 3.51
CA PHE B 282 16.24 -25.11 2.14
C PHE B 282 15.13 -24.09 2.06
N PHE B 283 15.11 -23.41 0.92
CA PHE B 283 14.01 -22.57 0.52
C PHE B 283 13.10 -23.34 -0.43
N ILE B 284 11.81 -23.06 -0.33
CA ILE B 284 10.82 -23.60 -1.26
C ILE B 284 10.19 -22.47 -2.05
N VAL B 285 10.19 -22.60 -3.38
CA VAL B 285 9.48 -21.69 -4.27
C VAL B 285 8.49 -22.51 -5.09
N SER B 286 7.51 -21.86 -5.72
CA SER B 286 6.45 -22.58 -6.42
C SER B 286 6.74 -22.94 -7.88
N THR B 287 7.66 -22.22 -8.53
CA THR B 287 7.97 -22.43 -9.95
C THR B 287 9.48 -22.50 -10.17
N ASP B 288 9.87 -23.22 -11.22
CA ASP B 288 11.27 -23.31 -11.60
C ASP B 288 11.84 -21.96 -12.01
N ARG B 289 11.04 -21.12 -12.64
CA ARG B 289 11.51 -19.79 -13.03
C ARG B 289 11.88 -18.97 -11.80
N GLN B 290 11.01 -18.94 -10.78
CA GLN B 290 11.41 -18.24 -9.53
C GLN B 290 12.63 -18.89 -8.88
N ASN B 291 12.70 -20.22 -8.91
CA ASN B 291 13.86 -20.94 -8.41
C ASN B 291 15.17 -20.48 -9.06
N GLU B 292 15.17 -20.40 -10.38
CA GLU B 292 16.35 -19.96 -11.14
C GLU B 292 16.71 -18.51 -10.85
N VAL B 293 15.70 -17.63 -10.90
CA VAL B 293 15.93 -16.22 -10.58
C VAL B 293 16.58 -16.06 -9.21
N LEU B 294 16.01 -16.73 -8.20
CA LEU B 294 16.46 -16.57 -6.82
C LEU B 294 17.89 -17.07 -6.61
N GLN B 295 18.20 -18.24 -7.18
CA GLN B 295 19.57 -18.80 -7.12
C GLN B 295 20.59 -17.85 -7.72
N GLU B 296 20.27 -17.27 -8.87
CA GLU B 296 21.18 -16.33 -9.51
C GLU B 296 21.40 -15.11 -8.61
N GLN B 297 20.33 -14.62 -7.99
CA GLN B 297 20.42 -13.47 -7.09
C GLN B 297 21.27 -13.73 -5.85
N PHE B 298 21.12 -14.91 -5.24
CA PHE B 298 21.99 -15.26 -4.13
C PHE B 298 23.47 -15.22 -4.54
N ALA B 299 23.78 -15.72 -5.75
CA ALA B 299 25.17 -15.74 -6.23
C ALA B 299 25.70 -14.33 -6.50
N LYS B 300 24.83 -13.46 -6.98
CA LYS B 300 25.23 -12.14 -7.40
C LYS B 300 25.36 -11.12 -6.26
N TYR B 301 24.47 -11.21 -5.27
CA TYR B 301 24.35 -10.14 -4.28
C TYR B 301 24.75 -10.54 -2.88
N THR B 302 25.11 -11.81 -2.72
CA THR B 302 25.12 -12.43 -1.42
C THR B 302 26.32 -13.38 -1.30
N GLN B 303 26.70 -13.70 -0.07
CA GLN B 303 27.78 -14.67 0.18
C GLN B 303 27.29 -16.11 0.34
N HIS B 304 25.98 -16.32 0.29
CA HIS B 304 25.38 -17.65 0.48
C HIS B 304 25.07 -18.30 -0.82
N GLN B 305 24.99 -19.63 -0.79
CA GLN B 305 24.45 -20.41 -1.91
C GLN B 305 23.52 -21.50 -1.38
N PRO B 306 22.28 -21.12 -0.99
CA PRO B 306 21.41 -22.08 -0.29
C PRO B 306 20.73 -23.08 -1.21
N LYS B 307 20.23 -24.17 -0.65
CA LYS B 307 19.43 -25.12 -1.39
C LYS B 307 18.02 -24.56 -1.64
N ILE B 308 17.58 -24.59 -2.90
CA ILE B 308 16.25 -24.11 -3.25
C ILE B 308 15.50 -25.18 -4.03
N VAL B 309 14.36 -25.62 -3.50
CA VAL B 309 13.54 -26.62 -4.17
C VAL B 309 12.23 -26.02 -4.69
N THR B 310 11.80 -26.51 -5.85
CA THR B 310 10.54 -26.11 -6.43
C THR B 310 9.46 -27.06 -5.95
N ILE B 311 8.54 -26.55 -5.14
CA ILE B 311 7.35 -27.30 -4.74
C ILE B 311 6.12 -26.40 -4.85
N PRO B 312 5.31 -26.61 -5.90
CA PRO B 312 4.06 -25.86 -6.05
C PRO B 312 3.24 -25.86 -4.74
N VAL B 313 2.75 -24.69 -4.35
CA VAL B 313 2.01 -24.51 -3.10
C VAL B 313 0.57 -25.04 -3.18
N GLY B 314 0.11 -25.35 -4.38
CA GLY B 314 -1.22 -25.94 -4.55
C GLY B 314 -1.12 -27.14 -5.45
N SER B 315 -2.16 -27.97 -5.41
CA SER B 315 -2.34 -29.10 -6.33
C SER B 315 -3.83 -29.45 -6.44
N ILE B 316 -4.18 -30.15 -7.51
CA ILE B 316 -5.56 -30.49 -7.86
C ILE B 316 -5.78 -31.96 -7.54
N ASP B 317 -6.72 -32.21 -6.63
CA ASP B 317 -7.09 -33.56 -6.27
C ASP B 317 -7.60 -34.34 -7.49
N SER B 318 -8.53 -33.75 -8.23
CA SER B 318 -9.00 -34.28 -9.50
C SER B 318 -9.61 -33.16 -10.30
N LEU B 319 -9.63 -33.30 -11.61
CA LEU B 319 -10.26 -32.33 -12.51
C LEU B 319 -11.76 -32.24 -12.23
N THR B 320 -12.35 -31.08 -12.45
CA THR B 320 -13.75 -30.85 -12.09
C THR B 320 -14.55 -30.50 -13.33
N ASP B 321 -15.58 -31.28 -13.59
CA ASP B 321 -16.45 -31.06 -14.75
C ASP B 321 -17.64 -30.21 -14.35
N SER B 322 -18.15 -29.45 -15.30
CA SER B 322 -19.38 -28.69 -15.09
C SER B 322 -20.51 -29.65 -14.77
N SER B 323 -20.78 -29.84 -13.47
CA SER B 323 -21.79 -30.81 -13.04
C SER B 323 -23.21 -30.37 -13.38
N GLN B 324 -23.38 -29.10 -13.72
CA GLN B 324 -24.69 -28.55 -14.04
C GLN B 324 -24.68 -27.64 -15.26
N GLY B 325 -23.64 -27.76 -16.10
CA GLY B 325 -23.47 -26.90 -17.26
C GLY B 325 -22.82 -25.56 -16.90
N ARG B 326 -22.33 -24.86 -17.92
CA ARG B 326 -21.71 -23.55 -17.72
C ARG B 326 -22.63 -22.46 -18.26
N LYS B 327 -22.78 -21.39 -17.50
CA LYS B 327 -23.52 -20.23 -17.97
C LYS B 327 -22.83 -19.68 -19.22
N PRO B 328 -23.59 -19.46 -20.32
CA PRO B 328 -23.01 -18.89 -21.54
C PRO B 328 -22.49 -17.49 -21.30
N PHE B 329 -21.35 -17.14 -21.90
CA PHE B 329 -20.73 -15.81 -21.79
C PHE B 329 -20.43 -15.37 -20.34
N SER B 330 -20.16 -16.34 -19.46
CA SER B 330 -19.94 -16.05 -18.05
C SER B 330 -18.45 -15.99 -17.68
N LEU B 331 -18.04 -14.84 -17.16
CA LEU B 331 -16.65 -14.57 -16.78
C LEU B 331 -16.51 -14.54 -15.26
N ILE B 332 -15.36 -15.00 -14.76
CA ILE B 332 -15.08 -15.03 -13.33
C ILE B 332 -13.67 -14.53 -12.99
N THR B 333 -13.54 -13.89 -11.84
CA THR B 333 -12.23 -13.71 -11.19
C THR B 333 -12.40 -14.00 -9.70
N ALA B 334 -11.32 -14.46 -9.06
CA ALA B 334 -11.32 -14.75 -7.63
C ALA B 334 -10.02 -14.30 -6.98
N SER B 335 -10.12 -13.34 -6.06
CA SER B 335 -8.94 -12.87 -5.34
C SER B 335 -9.30 -11.84 -4.31
N ARG B 336 -8.32 -11.53 -3.47
CA ARG B 336 -8.36 -10.37 -2.60
C ARG B 336 -8.71 -9.17 -3.46
N LEU B 337 -9.63 -8.34 -2.98
CA LEU B 337 -9.96 -7.12 -3.68
C LEU B 337 -8.89 -6.09 -3.31
N ALA B 338 -7.74 -6.26 -3.96
CA ALA B 338 -6.51 -5.55 -3.65
C ALA B 338 -5.95 -4.85 -4.89
N LYS B 339 -5.28 -3.72 -4.70
CA LYS B 339 -4.77 -2.90 -5.83
C LYS B 339 -3.97 -3.74 -6.81
N GLU B 340 -3.12 -4.61 -6.27
CA GLU B 340 -2.18 -5.43 -7.08
C GLU B 340 -2.87 -6.48 -7.96
N LYS B 341 -4.14 -6.76 -7.67
CA LYS B 341 -4.95 -7.62 -8.53
C LYS B 341 -5.59 -6.86 -9.69
N HIS B 342 -5.67 -5.53 -9.57
CA HIS B 342 -6.17 -4.64 -10.63
C HIS B 342 -7.50 -5.08 -11.23
N ILE B 343 -8.40 -5.54 -10.36
CA ILE B 343 -9.74 -5.96 -10.79
C ILE B 343 -10.50 -4.82 -11.48
N ASP B 344 -10.25 -3.57 -11.09
CA ASP B 344 -10.88 -2.43 -11.78
C ASP B 344 -10.57 -2.40 -13.28
N TRP B 345 -9.38 -2.82 -13.67
CA TRP B 345 -9.05 -2.97 -15.10
C TRP B 345 -9.93 -4.00 -15.75
N LEU B 346 -10.17 -5.11 -15.06
CA LEU B 346 -11.05 -6.16 -15.58
C LEU B 346 -12.50 -5.70 -15.72
N VAL B 347 -12.97 -4.96 -14.72
CA VAL B 347 -14.31 -4.41 -14.75
C VAL B 347 -14.46 -3.46 -15.93
N LYS B 348 -13.48 -2.62 -16.18
CA LYS B 348 -13.60 -1.66 -17.28
C LYS B 348 -13.52 -2.35 -18.63
N ALA B 349 -12.68 -3.39 -18.70
CA ALA B 349 -12.59 -4.24 -19.88
C ALA B 349 -13.92 -4.92 -20.20
N VAL B 350 -14.55 -5.51 -19.19
CA VAL B 350 -15.82 -6.24 -19.34
C VAL B 350 -16.95 -5.33 -19.82
N ILE B 351 -16.98 -4.11 -19.29
CA ILE B 351 -17.89 -3.07 -19.77
C ILE B 351 -17.67 -2.80 -21.28
N GLU B 352 -16.40 -2.68 -21.68
CA GLU B 352 -16.06 -2.42 -23.07
C GLU B 352 -16.51 -3.58 -23.96
N ALA B 353 -16.15 -4.80 -23.58
CA ALA B 353 -16.53 -6.00 -24.31
C ALA B 353 -18.04 -6.22 -24.41
N HIS B 354 -18.76 -5.79 -23.38
CA HIS B 354 -20.23 -5.94 -23.29
C HIS B 354 -20.94 -5.19 -24.39
N LYS B 355 -20.41 -4.03 -24.77
CA LYS B 355 -20.90 -3.30 -25.94
C LYS B 355 -20.99 -4.23 -27.16
N GLU B 356 -20.02 -5.12 -27.29
CA GLU B 356 -19.92 -6.06 -28.43
C GLU B 356 -20.62 -7.39 -28.18
N LEU B 357 -20.61 -7.86 -26.93
CA LEU B 357 -21.31 -9.09 -26.52
C LEU B 357 -22.21 -8.82 -25.31
N PRO B 358 -23.43 -8.32 -25.54
CA PRO B 358 -24.32 -7.87 -24.46
C PRO B 358 -24.83 -8.98 -23.52
N GLU B 359 -24.39 -10.21 -23.74
CA GLU B 359 -24.72 -11.31 -22.83
C GLU B 359 -23.60 -11.60 -21.83
N LEU B 360 -22.52 -10.82 -21.90
CA LEU B 360 -21.39 -11.02 -21.00
C LEU B 360 -21.79 -10.74 -19.55
N THR B 361 -21.43 -11.65 -18.67
CA THR B 361 -21.54 -11.42 -17.23
C THR B 361 -20.16 -11.64 -16.55
N PHE B 362 -19.92 -10.90 -15.46
CA PHE B 362 -18.66 -10.99 -14.73
C PHE B 362 -18.96 -11.03 -13.25
N ASP B 363 -18.64 -12.16 -12.60
CA ASP B 363 -18.75 -12.33 -11.14
C ASP B 363 -17.37 -12.24 -10.49
N ILE B 364 -17.26 -11.38 -9.47
CA ILE B 364 -15.97 -11.17 -8.78
C ILE B 364 -16.01 -11.74 -7.37
N TYR B 365 -15.27 -12.82 -7.14
CA TYR B 365 -15.20 -13.40 -5.82
C TYR B 365 -14.00 -12.87 -5.03
N GLY B 366 -14.18 -12.77 -3.71
CA GLY B 366 -13.13 -12.35 -2.79
C GLY B 366 -13.53 -11.10 -2.00
N SER B 367 -12.68 -10.69 -1.08
CA SER B 367 -12.95 -9.54 -0.23
C SER B 367 -11.76 -8.60 -0.19
N GLY B 368 -12.04 -7.34 0.10
CA GLY B 368 -10.95 -6.39 0.33
C GLY B 368 -11.35 -4.97 0.00
N GLY B 369 -10.43 -4.04 0.29
CA GLY B 369 -10.71 -2.60 0.20
C GLY B 369 -11.00 -2.01 -1.16
N GLU B 370 -10.69 -2.73 -2.23
CA GLU B 370 -11.04 -2.24 -3.57
C GLU B 370 -12.54 -2.34 -3.87
N ASP B 371 -13.28 -3.06 -3.02
CA ASP B 371 -14.75 -3.17 -3.22
C ASP B 371 -15.44 -1.85 -3.47
N SER B 372 -15.07 -0.81 -2.71
CA SER B 372 -15.66 0.53 -2.91
C SER B 372 -15.43 1.09 -4.33
N LEU B 373 -14.18 1.06 -4.79
CA LEU B 373 -13.87 1.50 -6.17
C LEU B 373 -14.66 0.67 -7.19
N LEU B 374 -14.60 -0.66 -7.03
CA LEU B 374 -15.30 -1.56 -7.93
C LEU B 374 -16.79 -1.25 -8.00
N ARG B 375 -17.40 -0.98 -6.85
CA ARG B 375 -18.83 -0.63 -6.86
C ARG B 375 -19.09 0.69 -7.57
N GLU B 376 -18.18 1.63 -7.38
CA GLU B 376 -18.31 2.94 -8.00
C GLU B 376 -18.27 2.84 -9.54
N ILE B 377 -17.32 2.06 -10.06
CA ILE B 377 -17.20 1.82 -11.50
C ILE B 377 -18.47 1.14 -12.07
N ILE B 378 -18.92 0.08 -11.41
CA ILE B 378 -20.16 -0.60 -11.80
C ILE B 378 -21.28 0.43 -11.95
N ALA B 379 -21.51 1.23 -10.90
CA ALA B 379 -22.57 2.22 -10.91
C ALA B 379 -22.38 3.29 -11.98
N ASN B 380 -21.15 3.78 -12.13
CA ASN B 380 -20.84 4.83 -13.11
C ASN B 380 -21.20 4.42 -14.54
N HIS B 381 -21.17 3.12 -14.81
CA HIS B 381 -21.44 2.59 -16.14
C HIS B 381 -22.71 1.77 -16.22
N GLN B 382 -23.54 1.88 -15.17
CA GLN B 382 -24.84 1.21 -15.11
C GLN B 382 -24.77 -0.30 -15.36
N ALA B 383 -23.74 -0.93 -14.78
CA ALA B 383 -23.46 -2.32 -15.06
C ALA B 383 -23.90 -3.28 -13.97
N GLU B 384 -24.78 -2.83 -13.06
CA GLU B 384 -25.19 -3.63 -11.90
C GLU B 384 -25.76 -4.98 -12.30
N ASP B 385 -26.52 -4.98 -13.40
CA ASP B 385 -27.19 -6.19 -13.88
C ASP B 385 -26.23 -7.27 -14.34
N TYR B 386 -25.06 -6.90 -14.88
CA TYR B 386 -24.13 -7.92 -15.40
C TYR B 386 -22.74 -8.06 -14.71
N ILE B 387 -22.35 -7.08 -13.88
CA ILE B 387 -21.08 -7.21 -13.13
C ILE B 387 -21.36 -7.16 -11.64
N GLN B 388 -21.00 -8.23 -10.93
CA GLN B 388 -21.35 -8.34 -9.49
C GLN B 388 -20.24 -8.86 -8.59
N LEU B 389 -20.17 -8.32 -7.37
CA LEU B 389 -19.27 -8.77 -6.31
C LEU B 389 -19.97 -9.85 -5.49
N LYS B 390 -19.31 -11.00 -5.31
CA LYS B 390 -19.95 -12.14 -4.68
C LYS B 390 -19.48 -12.42 -3.25
N GLY B 391 -18.49 -11.67 -2.77
CA GLY B 391 -17.87 -11.92 -1.48
C GLY B 391 -16.89 -13.07 -1.58
N HIS B 392 -16.26 -13.40 -0.46
CA HIS B 392 -15.29 -14.50 -0.40
C HIS B 392 -16.07 -15.74 -0.16
N ALA B 393 -15.95 -16.71 -1.05
CA ALA B 393 -16.78 -17.91 -1.01
C ALA B 393 -15.93 -19.17 -1.07
N GLU B 394 -16.58 -20.30 -0.76
CA GLU B 394 -16.02 -21.62 -0.94
C GLU B 394 -16.09 -21.93 -2.44
N LEU B 395 -14.95 -22.10 -3.10
CA LEU B 395 -14.92 -22.05 -4.58
C LEU B 395 -14.89 -23.38 -5.36
N SER B 396 -14.68 -24.49 -4.66
CA SER B 396 -14.45 -25.77 -5.33
C SER B 396 -15.53 -26.16 -6.35
N GLN B 397 -16.80 -25.92 -6.05
CA GLN B 397 -17.88 -26.21 -7.01
C GLN B 397 -18.33 -24.94 -7.74
N ILE B 398 -17.59 -23.86 -7.62
CA ILE B 398 -17.98 -22.61 -8.23
C ILE B 398 -17.44 -22.44 -9.66
N TYR B 399 -16.15 -22.70 -9.82
CA TYR B 399 -15.42 -22.44 -11.06
C TYR B 399 -16.08 -23.07 -12.30
N SER B 400 -16.47 -24.33 -12.16
CA SER B 400 -17.04 -25.11 -13.27
C SER B 400 -18.46 -24.71 -13.68
N GLN B 401 -18.99 -23.65 -13.05
CA GLN B 401 -20.27 -23.05 -13.46
C GLN B 401 -20.05 -21.89 -14.41
N TYR B 402 -18.78 -21.56 -14.67
CA TYR B 402 -18.40 -20.42 -15.51
C TYR B 402 -17.69 -20.88 -16.77
N GLU B 403 -17.49 -19.96 -17.71
CA GLU B 403 -16.76 -20.27 -18.94
C GLU B 403 -15.30 -19.81 -18.99
N VAL B 404 -15.04 -18.55 -18.62
CA VAL B 404 -13.69 -17.98 -18.71
C VAL B 404 -13.26 -17.27 -17.42
N TYR B 405 -12.02 -17.51 -17.00
CA TYR B 405 -11.38 -16.81 -15.87
C TYR B 405 -10.53 -15.62 -16.35
N LEU B 406 -10.70 -14.46 -15.71
CA LEU B 406 -9.89 -13.27 -15.99
C LEU B 406 -8.97 -12.88 -14.82
N THR B 407 -7.76 -12.42 -15.15
CA THR B 407 -6.79 -11.86 -14.20
C THR B 407 -6.08 -10.64 -14.80
N ALA B 408 -6.08 -9.55 -14.04
CA ALA B 408 -5.23 -8.38 -14.35
C ALA B 408 -4.15 -8.21 -13.29
N SER B 409 -3.89 -9.27 -12.52
CA SER B 409 -2.82 -9.25 -11.53
C SER B 409 -1.47 -9.02 -12.21
N THR B 410 -0.69 -8.09 -11.69
CA THR B 410 0.60 -7.76 -12.29
C THR B 410 1.77 -8.66 -11.84
N SER B 411 1.51 -9.57 -10.90
CA SER B 411 2.53 -10.51 -10.41
C SER B 411 1.89 -11.60 -9.56
N GLU B 412 2.31 -12.84 -9.79
CA GLU B 412 1.88 -13.96 -8.95
C GLU B 412 3.05 -14.89 -8.73
N GLY B 413 3.29 -15.21 -7.48
CA GLY B 413 4.29 -16.21 -7.11
C GLY B 413 3.86 -17.59 -7.63
N PHE B 414 2.54 -17.81 -7.68
CA PHE B 414 1.97 -19.05 -8.23
C PHE B 414 0.59 -18.76 -8.77
N GLY B 415 -0.31 -18.35 -7.86
CA GLY B 415 -1.67 -18.01 -8.23
C GLY B 415 -2.57 -19.22 -8.09
N LEU B 416 -2.99 -19.50 -6.85
CA LEU B 416 -3.84 -20.66 -6.57
C LEU B 416 -5.14 -20.69 -7.38
N THR B 417 -5.75 -19.53 -7.59
CA THR B 417 -6.99 -19.47 -8.36
C THR B 417 -6.78 -19.74 -9.85
N LEU B 418 -5.55 -19.55 -10.34
CA LEU B 418 -5.24 -19.91 -11.72
C LEU B 418 -5.27 -21.44 -11.82
N MET B 419 -4.55 -22.10 -10.91
CA MET B 419 -4.50 -23.55 -10.85
C MET B 419 -5.88 -24.18 -10.64
N GLU B 420 -6.60 -23.69 -9.64
CA GLU B 420 -8.00 -24.04 -9.42
C GLU B 420 -8.89 -23.81 -10.65
N ALA B 421 -8.73 -22.67 -11.31
CA ALA B 421 -9.53 -22.37 -12.49
C ALA B 421 -9.29 -23.35 -13.65
N ILE B 422 -8.03 -23.68 -13.96
CA ILE B 422 -7.77 -24.63 -15.06
C ILE B 422 -8.23 -26.06 -14.71
N GLY B 423 -8.11 -26.44 -13.44
CA GLY B 423 -8.66 -27.70 -12.93
C GLY B 423 -10.16 -27.89 -13.18
N SER B 424 -10.89 -26.79 -13.29
CA SER B 424 -12.33 -26.82 -13.57
C SER B 424 -12.62 -26.43 -15.02
N GLY B 425 -11.60 -26.59 -15.85
CA GLY B 425 -11.73 -26.36 -17.29
C GLY B 425 -11.96 -24.94 -17.74
N LEU B 426 -11.37 -23.98 -17.04
CA LEU B 426 -11.48 -22.58 -17.45
C LEU B 426 -10.27 -22.09 -18.25
N PRO B 427 -10.53 -21.47 -19.42
CA PRO B 427 -9.55 -20.67 -20.14
C PRO B 427 -9.13 -19.44 -19.33
N LEU B 428 -7.88 -19.01 -19.47
CA LEU B 428 -7.40 -17.82 -18.73
C LEU B 428 -6.99 -16.69 -19.64
N ILE B 429 -7.44 -15.48 -19.31
CA ILE B 429 -6.92 -14.27 -19.92
C ILE B 429 -6.19 -13.43 -18.86
N GLY B 430 -4.88 -13.31 -19.03
CA GLY B 430 -4.00 -12.60 -18.08
C GLY B 430 -2.77 -11.96 -18.69
N PHE B 431 -2.13 -11.11 -17.89
CA PHE B 431 -0.92 -10.39 -18.31
C PHE B 431 0.24 -11.33 -18.50
N ASP B 432 1.12 -10.99 -19.45
CA ASP B 432 2.33 -11.76 -19.68
C ASP B 432 3.40 -11.37 -18.67
N VAL B 433 3.24 -11.87 -17.44
CA VAL B 433 4.10 -11.48 -16.33
C VAL B 433 4.40 -12.71 -15.51
N PRO B 434 5.58 -12.73 -14.86
CA PRO B 434 5.92 -13.88 -14.04
C PRO B 434 5.23 -13.84 -12.66
N TYR B 435 5.16 -14.97 -11.95
CA TYR B 435 5.55 -16.26 -12.43
C TYR B 435 4.36 -17.09 -12.89
N GLY B 436 3.23 -16.92 -12.20
CA GLY B 436 2.07 -17.80 -12.38
C GLY B 436 1.41 -17.83 -13.73
N ASN B 437 1.15 -16.67 -14.31
CA ASN B 437 0.48 -16.59 -15.59
C ASN B 437 1.25 -17.32 -16.68
N GLN B 438 2.57 -17.23 -16.58
CA GLN B 438 3.46 -17.84 -17.57
C GLN B 438 3.52 -19.34 -17.37
N THR B 439 3.18 -19.78 -16.15
CA THR B 439 3.07 -21.18 -15.80
C THR B 439 1.74 -21.76 -16.30
N PHE B 440 0.66 -20.98 -16.24
CA PHE B 440 -0.69 -21.52 -16.40
C PHE B 440 -1.40 -21.15 -17.72
N ILE B 441 -0.88 -20.13 -18.40
CA ILE B 441 -1.44 -19.67 -19.67
C ILE B 441 -0.45 -19.98 -20.79
N GLU B 442 -0.88 -20.82 -21.73
CA GLU B 442 -0.18 -21.03 -23.00
C GLU B 442 -0.92 -20.21 -24.05
N ASP B 443 -0.31 -19.10 -24.47
CA ASP B 443 -1.02 -18.15 -25.34
C ASP B 443 -1.56 -18.85 -26.59
N GLY B 444 -2.79 -18.50 -26.96
CA GLY B 444 -3.46 -19.08 -28.10
C GLY B 444 -4.10 -20.43 -27.84
N GLN B 445 -3.63 -21.13 -26.80
CA GLN B 445 -3.97 -22.53 -26.55
C GLN B 445 -5.06 -22.78 -25.48
N ASN B 446 -4.97 -22.09 -24.34
CA ASN B 446 -5.97 -22.21 -23.28
C ASN B 446 -6.43 -20.83 -22.82
N GLY B 447 -6.20 -19.85 -23.66
CA GLY B 447 -6.52 -18.47 -23.36
C GLY B 447 -5.49 -17.57 -24.04
N TYR B 448 -5.30 -16.39 -23.46
CA TYR B 448 -4.43 -15.39 -24.06
C TYR B 448 -3.52 -14.74 -23.01
N LEU B 449 -2.27 -14.51 -23.41
CA LEU B 449 -1.37 -13.65 -22.65
C LEU B 449 -1.44 -12.27 -23.22
N ILE B 450 -1.58 -11.28 -22.35
CA ILE B 450 -1.67 -9.89 -22.78
C ILE B 450 -0.36 -9.21 -22.43
N PRO B 451 0.30 -8.59 -23.41
CA PRO B 451 1.57 -7.93 -23.11
C PRO B 451 1.39 -6.85 -22.05
N SER B 452 2.30 -6.81 -21.08
CA SER B 452 2.25 -5.82 -20.01
C SER B 452 3.32 -4.77 -20.22
N SER B 453 2.95 -3.51 -20.07
CA SER B 453 3.91 -2.40 -20.15
C SER B 453 4.06 -1.77 -18.78
N SER B 454 5.22 -1.16 -18.53
CA SER B 454 5.50 -0.60 -17.20
C SER B 454 4.78 0.70 -16.89
N ASP B 455 4.22 1.35 -17.90
CA ASP B 455 3.46 2.57 -17.61
C ASP B 455 1.96 2.35 -17.35
N HIS B 456 1.49 1.12 -17.55
CA HIS B 456 0.09 0.73 -17.28
C HIS B 456 -0.90 1.76 -17.72
N VAL B 457 -1.12 1.87 -19.03
CA VAL B 457 -2.11 2.82 -19.53
C VAL B 457 -3.48 2.14 -19.52
N GLU B 458 -4.41 2.70 -18.73
CA GLU B 458 -5.71 2.06 -18.49
C GLU B 458 -6.52 1.81 -19.77
N ASP B 459 -6.53 2.80 -20.66
CA ASP B 459 -7.24 2.70 -21.93
C ASP B 459 -6.68 1.58 -22.79
N GLN B 460 -5.36 1.49 -22.89
CA GLN B 460 -4.71 0.43 -23.63
C GLN B 460 -5.04 -0.93 -23.03
N ILE B 461 -4.98 -1.01 -21.69
CA ILE B 461 -5.27 -2.27 -20.97
C ILE B 461 -6.72 -2.71 -21.19
N LYS B 462 -7.68 -1.82 -20.92
CA LYS B 462 -9.09 -2.22 -21.05
C LYS B 462 -9.50 -2.55 -22.49
N GLN B 463 -8.90 -1.87 -23.46
CA GLN B 463 -9.12 -2.18 -24.87
C GLN B 463 -8.54 -3.55 -25.22
N ALA B 464 -7.34 -3.83 -24.70
CA ALA B 464 -6.65 -5.08 -25.02
C ALA B 464 -7.35 -6.28 -24.41
N TYR B 465 -7.83 -6.14 -23.16
CA TYR B 465 -8.61 -7.20 -22.51
C TYR B 465 -9.95 -7.45 -23.22
N ALA B 466 -10.65 -6.37 -23.56
CA ALA B 466 -11.96 -6.48 -24.23
C ALA B 466 -11.84 -7.17 -25.59
N ALA B 467 -10.77 -6.84 -26.33
CA ALA B 467 -10.47 -7.49 -27.62
C ALA B 467 -10.25 -8.99 -27.45
N LYS B 468 -9.50 -9.40 -26.44
CA LYS B 468 -9.24 -10.84 -26.22
C LYS B 468 -10.46 -11.61 -25.70
N ILE B 469 -11.36 -10.90 -25.00
CA ILE B 469 -12.60 -11.50 -24.53
C ILE B 469 -13.50 -11.78 -25.75
N CYS B 470 -13.65 -10.77 -26.61
CA CYS B 470 -14.45 -10.89 -27.81
C CYS B 470 -13.90 -11.98 -28.73
N GLN B 471 -12.60 -11.94 -28.98
CA GLN B 471 -11.92 -12.90 -29.85
C GLN B 471 -12.24 -14.33 -29.46
N LEU B 472 -12.08 -14.66 -28.18
CA LEU B 472 -12.31 -16.02 -27.68
C LEU B 472 -13.69 -16.55 -28.09
N TYR B 473 -14.69 -15.68 -27.97
CA TYR B 473 -16.07 -16.00 -28.33
C TYR B 473 -16.34 -15.85 -29.83
N GLN B 474 -15.97 -14.70 -30.40
CA GLN B 474 -16.21 -14.39 -31.82
C GLN B 474 -15.41 -15.24 -32.81
N GLU B 475 -14.53 -16.09 -32.29
CA GLU B 475 -13.78 -17.06 -33.11
C GLU B 475 -13.95 -18.48 -32.56
N ASN B 476 -14.95 -18.67 -31.69
CA ASN B 476 -15.32 -19.99 -31.16
C ASN B 476 -14.19 -20.85 -30.61
N ARG B 477 -13.34 -20.25 -29.79
CA ARG B 477 -12.18 -20.95 -29.23
C ARG B 477 -12.52 -21.72 -27.96
N LEU B 478 -13.66 -21.37 -27.33
CA LEU B 478 -13.95 -21.82 -25.97
C LEU B 478 -13.76 -23.32 -25.74
N GLU B 479 -14.36 -24.12 -26.61
CA GLU B 479 -14.35 -25.58 -26.46
C GLU B 479 -12.92 -26.11 -26.43
N ALA B 480 -12.11 -25.61 -27.34
CA ALA B 480 -10.72 -26.03 -27.49
C ALA B 480 -9.86 -25.54 -26.32
N MET B 481 -10.04 -24.27 -25.95
CA MET B 481 -9.30 -23.68 -24.83
C MET B 481 -9.62 -24.35 -23.49
N ARG B 482 -10.91 -24.62 -23.25
CA ARG B 482 -11.33 -25.39 -22.08
C ARG B 482 -10.56 -26.71 -22.00
N ALA B 483 -10.59 -27.47 -23.10
CA ALA B 483 -9.90 -28.77 -23.16
C ALA B 483 -8.40 -28.63 -22.88
N TYR B 484 -7.77 -27.60 -23.43
CA TYR B 484 -6.34 -27.38 -23.18
C TYR B 484 -6.06 -27.07 -21.70
N SER B 485 -6.87 -26.20 -21.09
CA SER B 485 -6.74 -25.92 -19.64
C SER B 485 -6.71 -27.20 -18.82
N TYR B 486 -7.66 -28.12 -19.10
CA TYR B 486 -7.67 -29.43 -18.44
C TYR B 486 -6.37 -30.20 -18.65
N GLN B 487 -5.81 -30.10 -19.86
CA GLN B 487 -4.58 -30.81 -20.19
C GLN B 487 -3.42 -30.27 -19.36
N ILE B 488 -3.24 -28.95 -19.39
CA ILE B 488 -2.25 -28.27 -18.52
C ILE B 488 -2.46 -28.68 -17.06
N ALA B 489 -3.73 -28.70 -16.63
CA ALA B 489 -4.08 -29.01 -15.24
C ALA B 489 -3.57 -30.37 -14.80
N GLU B 490 -3.55 -31.34 -15.72
CA GLU B 490 -3.08 -32.70 -15.44
C GLU B 490 -1.65 -32.72 -14.89
N GLY B 491 -0.86 -31.70 -15.25
CA GLY B 491 0.50 -31.56 -14.74
C GLY B 491 0.61 -31.05 -13.32
N PHE B 492 -0.53 -30.66 -12.74
CA PHE B 492 -0.58 -30.10 -11.38
C PHE B 492 -1.47 -30.91 -10.43
N LEU B 493 -1.54 -32.22 -10.65
CA LEU B 493 -2.37 -33.09 -9.81
C LEU B 493 -1.69 -33.51 -8.52
N THR B 494 -2.50 -33.78 -7.50
CA THR B 494 -2.00 -34.06 -6.15
C THR B 494 -1.11 -35.30 -6.09
N LYS B 495 -1.40 -36.30 -6.92
CA LYS B 495 -0.54 -37.50 -7.07
C LYS B 495 0.94 -37.13 -7.19
N GLU B 496 1.24 -36.21 -8.10
CA GLU B 496 2.61 -35.78 -8.38
C GLU B 496 3.23 -35.00 -7.22
N ILE B 497 2.46 -34.11 -6.61
CA ILE B 497 2.94 -33.28 -5.50
C ILE B 497 3.26 -34.11 -4.25
N LEU B 498 2.45 -35.15 -4.01
CA LEU B 498 2.65 -36.02 -2.85
C LEU B 498 4.06 -36.58 -2.84
N GLU B 499 4.53 -36.99 -4.01
CA GLU B 499 5.84 -37.60 -4.16
C GLU B 499 6.95 -36.59 -3.90
N LYS B 500 6.79 -35.37 -4.43
CA LYS B 500 7.78 -34.32 -4.26
C LYS B 500 7.95 -33.96 -2.79
N TRP B 501 6.82 -33.88 -2.09
CA TRP B 501 6.80 -33.69 -0.63
C TRP B 501 7.42 -34.84 0.09
N LYS B 502 7.02 -36.06 -0.28
CA LYS B 502 7.60 -37.27 0.32
C LYS B 502 9.12 -37.30 0.14
N LYS B 503 9.55 -37.11 -1.11
CA LYS B 503 10.96 -37.01 -1.47
C LYS B 503 11.73 -35.97 -0.66
N THR B 504 11.14 -34.78 -0.54
CA THR B 504 11.74 -33.67 0.19
C THR B 504 11.90 -34.01 1.68
N VAL B 505 10.83 -34.52 2.28
CA VAL B 505 10.81 -34.83 3.71
C VAL B 505 11.80 -35.94 4.07
N GLU B 506 11.90 -36.95 3.20
CA GLU B 506 12.92 -38.00 3.35
C GLU B 506 14.31 -37.39 3.39
N GLU B 507 14.62 -36.60 2.35
CA GLU B 507 15.93 -36.04 2.11
C GLU B 507 16.48 -35.19 3.26
N VAL B 508 15.62 -34.38 3.87
CA VAL B 508 16.07 -33.53 4.97
C VAL B 508 16.16 -34.34 6.27
N LEU B 509 15.35 -35.39 6.36
CA LEU B 509 15.24 -36.23 7.56
C LEU B 509 15.35 -37.72 7.23
#